data_7YEI
#
_entry.id   7YEI
#
_cell.length_a   72.530
_cell.length_b   115.710
_cell.length_c   169.280
_cell.angle_alpha   90.00
_cell.angle_beta   90.00
_cell.angle_gamma   90.00
#
_symmetry.space_group_name_H-M   'P 21 21 21'
#
loop_
_entity.id
_entity.type
_entity.pdbx_description
1 polymer 'Deoxyribodipyrimidine photolyase'
2 polymer 'CPD photolesion containing DNA after repair'
3 polymer 'complementary oligonucleotide to the CPD containing DNA'
4 non-polymer 'FLAVIN-ADENINE DINUCLEOTIDE'
5 non-polymer 'SULFATE ION'
6 water water
#
loop_
_entity_poly.entity_id
_entity_poly.type
_entity_poly.pdbx_seq_one_letter_code
_entity_poly.pdbx_strand_id
1 'polypeptide(L)'
;MGSSHHHHHHSSGLVPRGSHMNPKRIRALKSGKQGDGPVVYWMSRDQRAEDNWALLFSRAIAKEANVPVVVVFCLTDEFL
EAGIRQYEFMLKGLQELEVSLSRKKIPSFFLRGDPGEKISRFVKDYNAGTLVTDFSPLRIKNQWIEKVISGISIPFFEVD
AHNVVPCWEASQKHEYAAHTFRPKLYALLPEFLEEFPELEPNSVTPELSAGAGMVETLSDVLETGVKALLPERALLKNKD
PLFEPWHFEPGEKAAKKVMESFIADRLDSYGALRNDPTKNMLSNLSPYLHFGQISSQRVVLEVEKAESNPGSKKAFLDEI
LIWKEISDNFCYYNPGYDGFESFPSWAKESLNAHRNDVRSHIYTLEEFEAGKTHDPLWNASQMELLSTGKMHGYTRMYWA
KKILEWSESPEKALEIAICLNDRYELDGRDPNGYAGIAWSIGGVHDRAWGEREVTGKIRYMSYEGCKRKFDVKLYIEKYS
AL
;
A,B
2 'polydeoxyribonucleotide' (DA)(DT)(DC)(DG)(DG)(DC)(DT)(DT)(DC)(DG)(DC)(DG)(DC)(DA)(DA) C,E
3 'polydeoxyribonucleotide' (DT)(DG)(DC)(DG)(DC)(DG)(DA)(DA)(DG)(DC)(DC)(DG)(DA)(DT) D,F
#
# COMPACT_ATOMS: atom_id res chain seq x y z
N PRO A 16 38.63 20.17 -2.29
CA PRO A 16 39.47 19.19 -1.60
C PRO A 16 40.53 18.57 -2.52
N ARG A 17 41.38 19.42 -3.10
CA ARG A 17 42.48 19.00 -3.96
C ARG A 17 42.00 18.24 -5.19
N GLY A 18 42.93 17.66 -5.95
CA GLY A 18 42.58 16.90 -7.13
C GLY A 18 42.71 17.68 -8.42
N SER A 19 43.29 17.04 -9.45
CA SER A 19 43.44 17.66 -10.76
C SER A 19 42.35 17.21 -11.72
N HIS A 20 42.22 15.90 -11.92
CA HIS A 20 41.12 15.33 -12.71
C HIS A 20 39.89 15.14 -11.81
N MET A 21 39.49 16.25 -11.18
CA MET A 21 38.51 16.18 -10.10
C MET A 21 37.64 17.42 -10.16
N ASN A 22 36.36 17.24 -10.46
CA ASN A 22 35.41 18.34 -10.45
C ASN A 22 34.79 18.48 -9.07
N PRO A 23 34.93 19.63 -8.40
CA PRO A 23 34.38 19.77 -7.05
C PRO A 23 32.85 19.77 -7.00
N LYS A 24 32.18 19.94 -8.14
CA LYS A 24 30.72 19.96 -8.15
C LYS A 24 30.10 18.60 -7.94
N ARG A 25 30.88 17.52 -8.05
CA ARG A 25 30.37 16.19 -7.77
C ARG A 25 30.22 15.90 -6.29
N ILE A 26 30.85 16.72 -5.44
CA ILE A 26 30.90 16.49 -4.00
C ILE A 26 30.28 17.70 -3.30
N ARG A 27 29.51 17.43 -2.24
CA ARG A 27 28.92 18.49 -1.43
C ARG A 27 29.03 18.12 0.04
N ALA A 28 29.11 19.16 0.88
CA ALA A 28 29.30 18.97 2.31
C ALA A 28 27.94 18.82 2.99
N LEU A 29 27.82 17.80 3.83
CA LEU A 29 26.60 17.57 4.60
C LEU A 29 26.73 17.94 6.07
N LYS A 30 27.96 18.01 6.59
CA LYS A 30 28.20 18.40 7.97
C LYS A 30 29.65 18.84 8.10
N SER A 31 29.86 20.07 8.53
CA SER A 31 31.21 20.60 8.70
C SER A 31 31.72 20.35 10.10
N GLY A 32 33.04 20.23 10.23
CA GLY A 32 33.65 20.00 11.52
C GLY A 32 35.15 19.85 11.38
N LYS A 33 35.79 19.63 12.52
CA LYS A 33 37.24 19.43 12.54
C LYS A 33 37.60 18.09 11.95
N GLN A 34 38.58 18.08 11.06
CA GLN A 34 39.02 16.83 10.42
C GLN A 34 39.82 16.00 11.42
N GLY A 35 39.35 14.78 11.68
CA GLY A 35 40.03 13.91 12.61
C GLY A 35 41.36 13.40 12.07
N ASP A 36 42.19 12.89 12.98
CA ASP A 36 43.50 12.38 12.65
C ASP A 36 43.48 10.91 12.24
N GLY A 37 42.30 10.35 12.00
CA GLY A 37 42.17 8.96 11.63
C GLY A 37 41.97 8.77 10.14
N PRO A 38 41.85 7.53 9.71
CA PRO A 38 41.65 7.24 8.29
C PRO A 38 40.26 7.69 7.82
N VAL A 39 40.18 8.02 6.54
CA VAL A 39 38.92 8.42 5.94
C VAL A 39 38.11 7.17 5.62
N VAL A 40 36.80 7.24 5.88
CA VAL A 40 35.91 6.10 5.71
C VAL A 40 34.89 6.42 4.62
N TYR A 41 34.71 5.47 3.70
CA TYR A 41 33.76 5.61 2.59
C TYR A 41 32.56 4.71 2.88
N TRP A 42 31.38 5.33 2.99
CA TRP A 42 30.14 4.59 3.24
C TRP A 42 29.51 4.25 1.89
N MET A 43 29.97 3.12 1.34
CA MET A 43 29.39 2.59 0.11
C MET A 43 27.96 2.12 0.36
N SER A 44 26.99 2.74 -0.33
CA SER A 44 25.61 2.26 -0.28
C SER A 44 25.06 1.91 -1.65
N ARG A 45 25.14 2.83 -2.61
CA ARG A 45 24.47 2.67 -3.90
C ARG A 45 25.40 2.21 -5.02
N ASP A 46 26.64 2.68 -5.02
CA ASP A 46 27.61 2.32 -6.06
C ASP A 46 28.53 1.25 -5.49
N GLN A 47 28.20 -0.01 -5.78
CA GLN A 47 29.00 -1.15 -5.32
C GLN A 47 29.98 -1.57 -6.41
N ARG A 48 31.00 -0.73 -6.60
CA ARG A 48 32.06 -1.00 -7.56
C ARG A 48 33.33 -0.32 -7.08
N ALA A 49 34.47 -0.86 -7.52
CA ALA A 49 35.78 -0.27 -7.23
C ALA A 49 36.28 0.62 -8.36
N GLU A 50 36.13 0.19 -9.60
CA GLU A 50 36.52 0.99 -10.75
C GLU A 50 35.39 1.91 -11.17
N ASP A 51 35.75 3.12 -11.62
CA ASP A 51 34.79 4.13 -12.07
C ASP A 51 33.78 4.47 -10.97
N ASN A 52 34.30 4.85 -9.81
CA ASN A 52 33.48 5.23 -8.66
C ASN A 52 34.00 6.57 -8.14
N TRP A 53 33.24 7.64 -8.41
CA TRP A 53 33.66 8.97 -7.97
C TRP A 53 33.72 9.05 -6.45
N ALA A 54 32.73 8.45 -5.77
CA ALA A 54 32.72 8.50 -4.31
C ALA A 54 33.93 7.79 -3.71
N LEU A 55 34.35 6.68 -4.31
CA LEU A 55 35.56 6.00 -3.86
C LEU A 55 36.81 6.76 -4.29
N LEU A 56 36.81 7.31 -5.51
CA LEU A 56 37.95 8.11 -5.96
C LEU A 56 38.09 9.37 -5.12
N PHE A 57 36.97 10.01 -4.76
CA PHE A 57 37.05 11.21 -3.93
C PHE A 57 37.52 10.88 -2.52
N SER A 58 37.13 9.72 -2.00
CA SER A 58 37.60 9.30 -0.68
C SER A 58 39.10 9.08 -0.68
N ARG A 59 39.66 8.64 -1.80
CA ARG A 59 41.11 8.47 -1.89
C ARG A 59 41.83 9.81 -2.04
N ALA A 60 41.16 10.83 -2.59
CA ALA A 60 41.80 12.13 -2.77
C ALA A 60 42.08 12.79 -1.43
N ILE A 61 41.07 12.87 -0.56
CA ILE A 61 41.30 13.37 0.79
C ILE A 61 42.19 12.44 1.59
N ALA A 62 42.21 11.15 1.23
CA ALA A 62 43.11 10.21 1.89
C ALA A 62 44.56 10.58 1.65
N LYS A 63 44.90 10.99 0.43
CA LYS A 63 46.28 11.34 0.12
C LYS A 63 46.66 12.68 0.73
N GLU A 64 45.72 13.63 0.77
CA GLU A 64 46.02 14.95 1.32
C GLU A 64 46.28 14.90 2.82
N ALA A 65 45.56 14.03 3.53
CA ALA A 65 45.71 13.88 4.97
C ALA A 65 46.71 12.80 5.35
N ASN A 66 47.32 12.14 4.36
CA ASN A 66 48.31 11.07 4.60
C ASN A 66 47.72 9.93 5.44
N VAL A 67 46.43 9.66 5.25
CA VAL A 67 45.77 8.53 5.91
C VAL A 67 45.02 7.73 4.86
N PRO A 68 45.29 6.43 4.72
CA PRO A 68 44.59 5.62 3.70
C PRO A 68 43.08 5.63 3.92
N VAL A 69 42.38 5.17 2.89
CA VAL A 69 40.92 5.10 2.90
C VAL A 69 40.48 3.70 3.31
N VAL A 70 39.41 3.64 4.10
CA VAL A 70 38.75 2.39 4.46
C VAL A 70 37.30 2.48 4.00
N VAL A 71 36.76 1.34 3.60
CA VAL A 71 35.40 1.26 3.06
C VAL A 71 34.53 0.46 4.04
N VAL A 72 33.35 0.99 4.33
CA VAL A 72 32.40 0.33 5.22
C VAL A 72 31.10 0.10 4.47
N PHE A 73 30.37 -0.93 4.91
CA PHE A 73 29.08 -1.26 4.33
C PHE A 73 28.16 -1.76 5.44
N CYS A 74 26.90 -1.35 5.39
CA CYS A 74 25.91 -1.73 6.39
C CYS A 74 24.82 -2.55 5.72
N LEU A 75 24.61 -3.76 6.22
CA LEU A 75 23.55 -4.64 5.71
C LEU A 75 22.29 -4.39 6.52
N THR A 76 21.34 -3.70 5.89
CA THR A 76 20.07 -3.34 6.57
C THR A 76 19.06 -4.47 6.35
N ASP A 77 17.94 -4.46 7.08
CA ASP A 77 16.94 -5.55 7.02
C ASP A 77 16.02 -5.31 5.85
N GLU A 78 16.36 -4.33 5.01
CA GLU A 78 15.56 -4.06 3.81
C GLU A 78 15.70 -5.24 2.87
N PHE A 79 16.62 -6.13 3.19
CA PHE A 79 16.70 -7.30 2.33
C PHE A 79 15.54 -8.27 2.56
N LEU A 80 14.91 -8.22 3.74
CA LEU A 80 13.76 -9.08 4.00
C LEU A 80 12.54 -8.70 3.17
N GLU A 81 12.48 -7.45 2.69
CA GLU A 81 11.37 -7.04 1.85
CA GLU A 81 11.36 -7.04 1.85
C GLU A 81 11.48 -7.59 0.44
N ALA A 82 12.70 -7.81 -0.04
CA ALA A 82 12.96 -8.35 -1.37
C ALA A 82 13.05 -9.88 -1.28
N GLY A 83 13.56 -10.51 -2.33
CA GLY A 83 13.73 -11.95 -2.34
C GLY A 83 15.17 -12.40 -2.44
N ILE A 84 15.38 -13.70 -2.64
CA ILE A 84 16.72 -14.25 -2.78
C ILE A 84 17.40 -13.74 -4.04
N ARG A 85 16.62 -13.53 -5.11
CA ARG A 85 17.19 -13.15 -6.39
C ARG A 85 18.01 -11.86 -6.28
N GLN A 86 17.51 -10.88 -5.53
CA GLN A 86 18.25 -9.65 -5.33
C GLN A 86 19.29 -9.78 -4.22
N TYR A 87 19.06 -10.69 -3.27
CA TYR A 87 20.03 -10.89 -2.19
C TYR A 87 21.29 -11.57 -2.69
N GLU A 88 21.12 -12.66 -3.47
CA GLU A 88 22.28 -13.37 -4.00
C GLU A 88 23.01 -12.53 -5.04
N PHE A 89 22.26 -11.81 -5.88
CA PHE A 89 22.87 -10.96 -6.89
C PHE A 89 23.70 -9.86 -6.26
N MET A 90 23.32 -9.39 -5.07
CA MET A 90 24.04 -8.32 -4.38
C MET A 90 25.20 -8.84 -3.55
N LEU A 91 24.99 -9.94 -2.81
CA LEU A 91 26.05 -10.47 -1.96
C LEU A 91 27.18 -11.06 -2.80
N LYS A 92 26.85 -11.70 -3.92
CA LYS A 92 27.90 -12.24 -4.78
C LYS A 92 28.77 -11.15 -5.37
N GLY A 93 28.19 -9.98 -5.68
CA GLY A 93 28.99 -8.87 -6.15
C GLY A 93 29.85 -8.27 -5.05
N LEU A 94 29.41 -8.36 -3.79
CA LEU A 94 30.22 -7.84 -2.69
C LEU A 94 31.43 -8.73 -2.40
N GLN A 95 31.28 -10.04 -2.57
CA GLN A 95 32.41 -10.94 -2.38
C GLN A 95 33.49 -10.67 -3.41
N GLU A 96 33.09 -10.45 -4.67
CA GLU A 96 34.05 -10.08 -5.70
C GLU A 96 34.62 -8.69 -5.43
N LEU A 97 33.80 -7.78 -4.93
CA LEU A 97 34.28 -6.44 -4.57
C LEU A 97 35.29 -6.50 -3.43
N GLU A 98 35.08 -7.41 -2.47
CA GLU A 98 35.98 -7.50 -1.33
C GLU A 98 37.39 -7.88 -1.76
N VAL A 99 37.52 -8.70 -2.80
CA VAL A 99 38.85 -9.09 -3.26
C VAL A 99 39.47 -8.05 -4.19
N SER A 100 38.66 -7.23 -4.86
CA SER A 100 39.20 -6.17 -5.69
C SER A 100 39.74 -5.01 -4.86
N LEU A 101 39.05 -4.68 -3.76
CA LEU A 101 39.56 -3.65 -2.86
C LEU A 101 40.75 -4.15 -2.07
N SER A 102 40.82 -5.46 -1.80
CA SER A 102 41.95 -6.01 -1.07
C SER A 102 43.23 -5.97 -1.90
N ARG A 103 43.11 -6.09 -3.23
CA ARG A 103 44.29 -6.02 -4.08
C ARG A 103 44.92 -4.64 -4.09
N LYS A 104 44.12 -3.59 -3.80
CA LYS A 104 44.62 -2.23 -3.70
C LYS A 104 44.89 -1.83 -2.26
N LYS A 105 45.03 -2.80 -1.36
CA LYS A 105 45.28 -2.55 0.07
C LYS A 105 44.19 -1.67 0.68
N ILE A 106 42.95 -1.91 0.27
CA ILE A 106 41.80 -1.17 0.80
C ILE A 106 40.88 -2.15 1.52
N PRO A 107 40.83 -2.12 2.85
CA PRO A 107 39.98 -3.08 3.56
C PRO A 107 38.52 -2.66 3.58
N SER A 108 37.64 -3.63 3.36
CA SER A 108 36.20 -3.42 3.35
C SER A 108 35.58 -4.07 4.58
N PHE A 109 34.78 -3.30 5.31
CA PHE A 109 34.14 -3.77 6.54
C PHE A 109 32.64 -3.81 6.33
N PHE A 110 32.03 -4.96 6.61
CA PHE A 110 30.62 -5.21 6.34
C PHE A 110 29.86 -5.29 7.66
N LEU A 111 29.17 -4.21 8.01
CA LEU A 111 28.39 -4.15 9.23
C LEU A 111 26.98 -4.69 8.98
N ARG A 112 26.22 -4.81 10.08
CA ARG A 112 24.84 -5.28 10.02
C ARG A 112 24.02 -4.55 11.06
N GLY A 113 22.85 -4.05 10.66
CA GLY A 113 21.94 -3.38 11.56
C GLY A 113 21.48 -2.06 10.99
N ASP A 114 21.09 -1.15 11.87
CA ASP A 114 20.61 0.15 11.46
C ASP A 114 21.79 1.05 11.11
N PRO A 115 21.84 1.60 9.88
CA PRO A 115 22.95 2.51 9.55
C PRO A 115 23.02 3.73 10.44
N GLY A 116 21.88 4.20 10.96
CA GLY A 116 21.89 5.34 11.85
C GLY A 116 22.59 5.09 13.18
N GLU A 117 22.73 3.82 13.57
CA GLU A 117 23.40 3.46 14.81
C GLU A 117 24.71 2.71 14.59
N LYS A 118 24.89 2.07 13.43
CA LYS A 118 26.12 1.31 13.16
C LYS A 118 27.21 2.17 12.54
N ILE A 119 26.85 3.07 11.63
CA ILE A 119 27.84 3.96 11.03
C ILE A 119 28.34 4.98 12.04
N SER A 120 27.42 5.56 12.82
CA SER A 120 27.83 6.52 13.84
C SER A 120 28.71 5.87 14.90
N ARG A 121 28.39 4.62 15.28
CA ARG A 121 29.25 3.89 16.20
C ARG A 121 30.61 3.62 15.58
N PHE A 122 30.62 3.03 14.38
CA PHE A 122 31.89 2.63 13.75
C PHE A 122 32.84 3.81 13.58
N VAL A 123 32.29 5.03 13.47
CA VAL A 123 33.15 6.21 13.42
C VAL A 123 33.92 6.36 14.72
N LYS A 124 33.26 6.14 15.86
CA LYS A 124 33.89 6.36 17.15
C LYS A 124 34.95 5.31 17.45
N ASP A 125 34.62 4.03 17.28
CA ASP A 125 35.58 2.98 17.62
C ASP A 125 36.82 3.03 16.73
N TYR A 126 36.63 3.24 15.42
CA TYR A 126 37.75 3.31 14.50
C TYR A 126 38.47 4.66 14.53
N ASN A 127 37.88 5.66 15.18
CA ASN A 127 38.44 7.01 15.23
C ASN A 127 38.66 7.56 13.82
N ALA A 128 37.60 7.52 13.03
CA ALA A 128 37.69 7.93 11.63
C ALA A 128 37.96 9.41 11.51
N GLY A 129 38.61 9.79 10.41
CA GLY A 129 38.95 11.18 10.16
C GLY A 129 38.01 11.89 9.22
N THR A 130 37.40 11.14 8.28
CA THR A 130 36.48 11.74 7.33
C THR A 130 35.51 10.68 6.82
N LEU A 131 34.23 11.03 6.79
CA LEU A 131 33.18 10.13 6.32
C LEU A 131 32.66 10.64 4.97
N VAL A 132 32.64 9.76 3.98
CA VAL A 132 32.16 10.07 2.64
C VAL A 132 31.17 9.00 2.23
N THR A 133 30.02 9.42 1.69
CA THR A 133 28.99 8.49 1.24
C THR A 133 28.55 8.87 -0.17
N ASP A 134 27.89 7.91 -0.82
CA ASP A 134 27.36 8.14 -2.16
C ASP A 134 25.99 8.82 -2.06
N PHE A 135 25.42 9.16 -3.21
CA PHE A 135 24.16 9.87 -3.29
C PHE A 135 23.04 8.92 -3.73
N SER A 136 21.89 9.04 -3.07
CA SER A 136 20.70 8.29 -3.44
C SER A 136 19.50 9.16 -3.05
N PRO A 137 18.57 9.39 -3.98
CA PRO A 137 17.39 10.21 -3.67
C PRO A 137 16.27 9.49 -2.94
N LEU A 138 16.50 8.25 -2.50
CA LEU A 138 15.46 7.51 -1.80
C LEU A 138 15.24 8.07 -0.41
N ARG A 139 14.02 7.90 0.10
CA ARG A 139 13.68 8.43 1.41
CA ARG A 139 13.67 8.42 1.41
C ARG A 139 14.50 7.75 2.52
N ILE A 140 14.68 6.44 2.42
CA ILE A 140 15.40 5.71 3.46
C ILE A 140 16.87 6.11 3.55
N LYS A 141 17.44 6.67 2.47
CA LYS A 141 18.83 7.11 2.52
C LYS A 141 18.97 8.41 3.30
N ASN A 142 18.02 9.34 3.14
CA ASN A 142 18.10 10.61 3.86
C ASN A 142 17.84 10.44 5.35
N GLN A 143 17.05 9.44 5.73
CA GLN A 143 16.80 9.20 7.15
C GLN A 143 18.06 8.73 7.88
N TRP A 144 18.83 7.84 7.25
CA TRP A 144 20.07 7.37 7.86
C TRP A 144 21.08 8.50 7.96
N ILE A 145 21.15 9.36 6.95
CA ILE A 145 22.13 10.45 6.94
C ILE A 145 21.85 11.42 8.07
N GLU A 146 20.58 11.77 8.28
CA GLU A 146 20.24 12.73 9.34
C GLU A 146 20.54 12.18 10.72
N LYS A 147 20.48 10.86 10.90
CA LYS A 147 20.78 10.27 12.20
CA LYS A 147 20.78 10.27 12.20
C LYS A 147 22.27 10.25 12.48
N VAL A 148 23.08 9.81 11.51
CA VAL A 148 24.51 9.75 11.72
C VAL A 148 25.14 11.14 11.79
N ILE A 149 24.50 12.14 11.19
CA ILE A 149 24.97 13.52 11.34
C ILE A 149 24.91 13.94 12.80
N SER A 150 23.84 13.57 13.49
CA SER A 150 23.65 13.92 14.89
CA SER A 150 23.65 13.92 14.89
C SER A 150 24.46 13.05 15.84
N GLY A 151 25.41 12.27 15.32
CA GLY A 151 26.19 11.41 16.18
C GLY A 151 27.68 11.40 15.88
N ILE A 152 28.11 12.25 14.95
CA ILE A 152 29.51 12.34 14.56
C ILE A 152 29.95 13.80 14.60
N SER A 153 31.25 13.99 14.48
CA SER A 153 31.83 15.32 14.39
C SER A 153 32.83 15.44 13.24
N ILE A 154 33.10 14.37 12.50
CA ILE A 154 33.98 14.40 11.34
C ILE A 154 33.12 14.83 10.15
N PRO A 155 33.65 15.12 8.96
CA PRO A 155 32.79 15.67 7.91
C PRO A 155 31.85 14.63 7.33
N PHE A 156 30.87 15.14 6.58
CA PHE A 156 29.98 14.32 5.77
C PHE A 156 29.99 14.87 4.36
N PHE A 157 30.72 14.20 3.47
CA PHE A 157 30.78 14.55 2.06
C PHE A 157 29.97 13.54 1.26
N GLU A 158 29.05 14.05 0.44
CA GLU A 158 28.18 13.22 -0.36
C GLU A 158 28.53 13.41 -1.84
N VAL A 159 28.93 12.33 -2.50
CA VAL A 159 29.40 12.37 -3.88
C VAL A 159 28.39 11.62 -4.74
N ASP A 160 28.02 12.23 -5.88
CA ASP A 160 27.13 11.58 -6.84
C ASP A 160 27.99 10.75 -7.78
N ALA A 161 28.20 9.49 -7.42
CA ALA A 161 28.98 8.57 -8.22
C ALA A 161 28.14 7.77 -9.20
N HIS A 162 26.82 7.97 -9.22
CA HIS A 162 25.93 7.25 -10.12
C HIS A 162 25.67 8.01 -11.41
N ASN A 163 25.14 9.22 -11.30
CA ASN A 163 24.80 10.02 -12.46
C ASN A 163 26.04 10.67 -13.05
N VAL A 164 26.01 10.87 -14.36
CA VAL A 164 27.10 11.56 -15.04
C VAL A 164 27.20 13.01 -14.56
N VAL A 165 26.05 13.67 -14.47
CA VAL A 165 25.94 15.03 -13.94
C VAL A 165 25.28 14.94 -12.57
N PRO A 166 25.81 15.60 -11.54
CA PRO A 166 25.22 15.49 -10.20
C PRO A 166 23.78 15.94 -10.19
N CYS A 167 22.96 15.27 -9.37
CA CYS A 167 21.53 15.54 -9.34
C CYS A 167 21.24 16.96 -8.88
N TRP A 168 21.95 17.44 -7.86
CA TRP A 168 21.78 18.81 -7.39
C TRP A 168 22.32 19.83 -8.38
N GLU A 169 23.12 19.41 -9.36
CA GLU A 169 23.64 20.30 -10.38
C GLU A 169 22.87 20.25 -11.68
N ALA A 170 22.26 19.11 -12.01
CA ALA A 170 21.51 18.99 -13.26
C ALA A 170 20.28 19.89 -13.24
N SER A 171 19.48 19.80 -12.19
CA SER A 171 18.28 20.61 -12.07
C SER A 171 18.05 20.97 -10.62
N GLN A 172 17.54 22.18 -10.38
CA GLN A 172 17.28 22.68 -9.05
C GLN A 172 15.81 22.55 -8.65
N LYS A 173 14.98 21.98 -9.52
CA LYS A 173 13.56 21.84 -9.25
C LYS A 173 13.07 20.55 -9.89
N HIS A 174 11.81 20.22 -9.61
CA HIS A 174 11.19 19.05 -10.22
C HIS A 174 10.87 19.34 -11.69
N GLU A 175 11.52 18.62 -12.59
CA GLU A 175 11.31 18.82 -14.02
C GLU A 175 10.00 18.18 -14.45
N TYR A 176 9.18 18.94 -15.20
CA TYR A 176 7.87 18.45 -15.59
C TYR A 176 7.97 17.28 -16.55
N ALA A 177 8.90 17.33 -17.50
CA ALA A 177 9.04 16.29 -18.51
C ALA A 177 10.49 16.23 -18.97
N ALA A 178 10.73 15.52 -20.06
CA ALA A 178 12.09 15.33 -20.56
C ALA A 178 12.54 16.42 -21.51
N HIS A 179 11.64 16.95 -22.33
CA HIS A 179 12.04 17.99 -23.28
C HIS A 179 12.47 19.28 -22.58
N THR A 180 12.09 19.46 -21.32
CA THR A 180 12.59 20.56 -20.51
C THR A 180 13.85 20.20 -19.73
N PHE A 181 14.10 18.91 -19.51
CA PHE A 181 15.31 18.46 -18.83
C PHE A 181 16.41 18.05 -19.80
N ARG A 182 16.07 17.72 -21.04
CA ARG A 182 17.08 17.32 -22.02
C ARG A 182 18.10 18.41 -22.31
N PRO A 183 17.72 19.67 -22.61
CA PRO A 183 18.76 20.69 -22.84
C PRO A 183 19.62 20.98 -21.63
N LYS A 184 19.06 20.89 -20.42
CA LYS A 184 19.84 21.15 -19.22
C LYS A 184 20.94 20.11 -19.04
N LEU A 185 20.63 18.84 -19.30
CA LEU A 185 21.62 17.78 -19.12
C LEU A 185 22.69 17.83 -20.20
N TYR A 186 22.28 17.99 -21.46
CA TYR A 186 23.24 17.93 -22.56
C TYR A 186 24.18 19.13 -22.57
N ALA A 187 23.73 20.27 -22.04
CA ALA A 187 24.60 21.45 -21.99
C ALA A 187 25.74 21.25 -21.01
N LEU A 188 25.52 20.53 -19.92
CA LEU A 188 26.55 20.25 -18.93
C LEU A 188 27.39 19.03 -19.26
N LEU A 189 27.06 18.33 -20.36
CA LEU A 189 27.83 17.13 -20.72
C LEU A 189 29.30 17.41 -21.01
N PRO A 190 29.68 18.44 -21.78
CA PRO A 190 31.11 18.65 -22.05
C PRO A 190 31.95 18.94 -20.81
N GLU A 191 31.32 19.27 -19.68
CA GLU A 191 32.03 19.55 -18.44
C GLU A 191 32.14 18.34 -17.53
N PHE A 192 31.11 17.48 -17.49
CA PHE A 192 31.08 16.37 -16.55
C PHE A 192 31.36 15.02 -17.19
N LEU A 193 31.25 14.89 -18.50
CA LEU A 193 31.55 13.63 -19.18
C LEU A 193 33.06 13.55 -19.41
N GLU A 194 33.75 12.89 -18.49
CA GLU A 194 35.21 12.79 -18.51
C GLU A 194 35.62 11.35 -18.23
N GLU A 195 36.92 11.09 -18.32
CA GLU A 195 37.45 9.76 -18.08
C GLU A 195 37.84 9.60 -16.60
N PHE A 196 37.70 8.38 -16.11
CA PHE A 196 37.96 8.09 -14.71
C PHE A 196 39.45 7.87 -14.48
N PRO A 197 40.08 8.61 -13.56
CA PRO A 197 41.46 8.29 -13.19
C PRO A 197 41.55 6.97 -12.46
N GLU A 198 42.72 6.35 -12.55
CA GLU A 198 42.94 5.05 -11.93
C GLU A 198 42.91 5.16 -10.41
N LEU A 199 42.29 4.17 -9.76
CA LEU A 199 42.22 4.14 -8.30
C LEU A 199 43.59 3.81 -7.73
N GLU A 200 44.16 4.75 -6.98
CA GLU A 200 45.48 4.55 -6.39
C GLU A 200 45.38 3.69 -5.14
N PRO A 201 46.24 2.67 -4.98
CA PRO A 201 46.21 1.85 -3.76
C PRO A 201 46.64 2.62 -2.52
N ASN A 202 46.57 1.98 -1.36
CA ASN A 202 46.86 2.62 -0.09
C ASN A 202 48.33 2.49 0.28
N SER A 203 48.81 3.43 1.09
CA SER A 203 50.21 3.40 1.52
C SER A 203 50.42 2.45 2.69
N VAL A 204 49.78 2.73 3.82
CA VAL A 204 49.79 1.82 4.97
C VAL A 204 48.43 1.15 5.06
N THR A 205 48.41 -0.02 5.70
CA THR A 205 47.19 -0.81 5.71
C THR A 205 46.17 -0.37 6.78
N PRO A 206 46.56 -0.23 8.06
CA PRO A 206 45.49 -0.03 9.03
C PRO A 206 44.99 1.41 9.09
N GLU A 216 31.26 -9.92 11.33
CA GLU A 216 31.40 -9.41 9.97
C GLU A 216 32.09 -10.43 9.06
N THR A 217 31.28 -11.17 8.30
CA THR A 217 31.80 -12.17 7.38
C THR A 217 30.80 -12.36 6.26
N LEU A 218 31.26 -12.23 5.01
CA LEU A 218 30.35 -12.27 3.87
C LEU A 218 29.77 -13.67 3.65
N SER A 219 30.54 -14.72 3.97
CA SER A 219 30.04 -16.08 3.76
C SER A 219 28.92 -16.44 4.73
N ASP A 220 28.94 -15.87 5.94
CA ASP A 220 27.95 -16.22 6.95
C ASP A 220 26.67 -15.40 6.83
N VAL A 221 26.77 -14.14 6.42
CA VAL A 221 25.56 -13.34 6.25
C VAL A 221 24.72 -13.87 5.09
N LEU A 222 25.39 -14.35 4.04
CA LEU A 222 24.67 -14.90 2.88
C LEU A 222 23.86 -16.13 3.27
N GLU A 223 24.47 -17.06 4.02
CA GLU A 223 23.74 -18.25 4.43
C GLU A 223 22.70 -17.94 5.49
N THR A 224 22.95 -16.92 6.33
CA THR A 224 21.95 -16.51 7.31
C THR A 224 20.75 -15.88 6.64
N GLY A 225 20.99 -15.00 5.66
CA GLY A 225 19.88 -14.38 4.95
C GLY A 225 19.08 -15.37 4.13
N VAL A 226 19.76 -16.26 3.41
CA VAL A 226 19.07 -17.20 2.53
C VAL A 226 18.08 -18.05 3.30
N LYS A 227 18.48 -18.54 4.48
CA LYS A 227 17.57 -19.33 5.31
C LYS A 227 16.41 -18.50 5.84
N ALA A 228 16.53 -17.17 5.86
CA ALA A 228 15.46 -16.32 6.37
C ALA A 228 14.36 -16.12 5.32
N LEU A 229 14.75 -15.84 4.08
CA LEU A 229 13.78 -15.65 3.01
C LEU A 229 13.46 -16.93 2.26
N LEU A 230 13.90 -18.09 2.77
CA LEU A 230 13.56 -19.36 2.12
C LEU A 230 12.06 -19.62 2.07
N PRO A 231 11.28 -19.44 3.15
CA PRO A 231 9.83 -19.64 3.04
C PRO A 231 9.14 -18.66 2.09
N GLU A 232 9.72 -17.48 1.88
CA GLU A 232 9.12 -16.46 1.03
C GLU A 232 9.53 -16.60 -0.44
N ARG A 233 9.97 -17.79 -0.85
CA ARG A 233 10.37 -18.01 -2.23
C ARG A 233 9.16 -18.11 -3.14
N ALA A 234 9.38 -17.79 -4.41
CA ALA A 234 8.35 -17.92 -5.44
C ALA A 234 8.47 -19.31 -6.06
N LEU A 235 7.54 -20.20 -5.70
CA LEU A 235 7.58 -21.59 -6.12
C LEU A 235 6.53 -21.87 -7.18
N LEU A 236 6.66 -23.05 -7.80
CA LEU A 236 5.75 -23.56 -8.81
C LEU A 236 4.82 -24.59 -8.18
N LYS A 237 4.05 -25.29 -9.02
CA LYS A 237 3.12 -26.29 -8.52
C LYS A 237 3.85 -27.42 -7.80
N ASN A 238 4.99 -27.85 -8.33
CA ASN A 238 5.75 -28.95 -7.75
C ASN A 238 6.83 -28.48 -6.78
N LYS A 239 6.61 -27.34 -6.11
CA LYS A 239 7.56 -26.78 -5.15
C LYS A 239 8.92 -26.52 -5.79
N ASP A 240 8.89 -26.07 -7.05
CA ASP A 240 10.10 -25.75 -7.80
C ASP A 240 10.29 -24.24 -7.85
N PRO A 241 11.45 -23.71 -7.49
CA PRO A 241 11.66 -22.26 -7.54
C PRO A 241 11.49 -21.73 -8.96
N LEU A 242 10.78 -20.60 -9.08
CA LEU A 242 10.51 -20.01 -10.38
C LEU A 242 11.71 -19.28 -10.95
N PHE A 243 12.51 -18.65 -10.08
CA PHE A 243 13.58 -17.78 -10.55
C PHE A 243 14.69 -18.58 -11.23
N GLU A 244 15.23 -18.02 -12.30
CA GLU A 244 16.34 -18.63 -13.04
C GLU A 244 17.59 -17.76 -12.87
N PRO A 245 18.54 -18.16 -12.03
CA PRO A 245 19.69 -17.30 -11.73
C PRO A 245 20.86 -17.39 -12.70
N TRP A 246 20.72 -18.09 -13.82
CA TRP A 246 21.78 -18.21 -14.80
C TRP A 246 21.69 -17.17 -15.92
N HIS A 247 20.74 -16.24 -15.82
CA HIS A 247 20.57 -15.24 -16.87
C HIS A 247 21.54 -14.09 -16.71
N PHE A 248 21.74 -13.61 -15.47
CA PHE A 248 22.62 -12.47 -15.21
C PHE A 248 23.62 -12.87 -14.13
N GLU A 249 24.89 -12.94 -14.51
CA GLU A 249 25.95 -13.23 -13.56
C GLU A 249 26.35 -11.96 -12.84
N PRO A 250 26.18 -11.87 -11.53
CA PRO A 250 26.52 -10.63 -10.81
C PRO A 250 28.03 -10.42 -10.74
N GLY A 251 28.40 -9.19 -10.42
CA GLY A 251 29.80 -8.85 -10.26
C GLY A 251 30.27 -7.71 -11.14
N GLU A 252 31.41 -7.12 -10.79
CA GLU A 252 31.95 -6.01 -11.59
C GLU A 252 32.50 -6.50 -12.91
N LYS A 253 33.25 -7.61 -12.90
CA LYS A 253 33.85 -8.12 -14.13
C LYS A 253 32.77 -8.58 -15.11
N ALA A 254 31.73 -9.25 -14.61
CA ALA A 254 30.66 -9.72 -15.50
C ALA A 254 29.85 -8.56 -16.06
N ALA A 255 29.74 -7.46 -15.31
CA ALA A 255 29.03 -6.29 -15.82
C ALA A 255 29.76 -5.68 -17.01
N LYS A 256 31.09 -5.66 -16.97
CA LYS A 256 31.87 -5.14 -18.09
C LYS A 256 31.67 -5.97 -19.34
N LYS A 257 31.61 -7.29 -19.20
CA LYS A 257 31.38 -8.16 -20.35
C LYS A 257 30.00 -7.92 -20.96
N VAL A 258 29.02 -7.54 -20.14
CA VAL A 258 27.69 -7.25 -20.65
C VAL A 258 27.71 -6.01 -21.53
N MET A 259 28.44 -4.97 -21.11
CA MET A 259 28.53 -3.76 -21.92
C MET A 259 29.24 -4.03 -23.23
N GLU A 260 30.36 -4.77 -23.19
CA GLU A 260 31.12 -5.03 -24.40
CA GLU A 260 31.12 -5.02 -24.40
C GLU A 260 30.32 -5.86 -25.40
N SER A 261 29.51 -6.80 -24.89
CA SER A 261 28.67 -7.59 -25.79
C SER A 261 27.52 -6.77 -26.35
N PHE A 262 27.00 -5.81 -25.57
CA PHE A 262 25.93 -4.96 -26.07
C PHE A 262 26.42 -4.02 -27.17
N ILE A 263 27.59 -3.41 -26.97
CA ILE A 263 28.10 -2.46 -27.95
C ILE A 263 28.51 -3.18 -29.24
N ALA A 264 29.11 -4.37 -29.11
CA ALA A 264 29.62 -5.08 -30.27
C ALA A 264 28.53 -5.83 -31.03
N ASP A 265 27.46 -6.24 -30.36
CA ASP A 265 26.46 -7.10 -30.97
C ASP A 265 25.05 -6.53 -30.99
N ARG A 266 24.67 -5.70 -30.01
CA ARG A 266 23.30 -5.23 -29.88
C ARG A 266 23.12 -3.73 -30.06
N LEU A 267 24.19 -2.95 -30.01
CA LEU A 267 24.03 -1.50 -30.10
C LEU A 267 23.54 -1.05 -31.47
N ASP A 268 23.96 -1.74 -32.53
CA ASP A 268 23.55 -1.35 -33.88
C ASP A 268 22.04 -1.49 -34.08
N SER A 269 21.45 -2.58 -33.58
CA SER A 269 20.05 -2.87 -33.77
C SER A 269 19.18 -2.40 -32.60
N TYR A 270 19.71 -1.52 -31.74
CA TYR A 270 18.94 -1.04 -30.61
C TYR A 270 17.78 -0.17 -31.07
N GLY A 271 18.06 0.82 -31.92
CA GLY A 271 17.05 1.82 -32.25
C GLY A 271 15.83 1.24 -32.94
N ALA A 272 15.98 0.11 -33.62
CA ALA A 272 14.85 -0.49 -34.33
C ALA A 272 14.13 -1.56 -33.51
N LEU A 273 14.84 -2.23 -32.60
CA LEU A 273 14.26 -3.34 -31.85
C LEU A 273 14.24 -3.08 -30.34
N ARG A 274 14.27 -1.82 -29.92
CA ARG A 274 14.21 -1.52 -28.49
C ARG A 274 12.83 -1.74 -27.90
N ASN A 275 11.79 -1.80 -28.74
CA ASN A 275 10.43 -2.01 -28.28
C ASN A 275 9.91 -3.40 -28.62
N ASP A 276 10.79 -4.32 -29.00
CA ASP A 276 10.39 -5.69 -29.32
C ASP A 276 10.90 -6.63 -28.25
N PRO A 277 10.03 -7.23 -27.42
CA PRO A 277 10.51 -8.15 -26.39
C PRO A 277 10.89 -9.52 -26.91
N THR A 278 10.45 -9.91 -28.11
CA THR A 278 10.79 -11.21 -28.66
C THR A 278 12.28 -11.33 -28.97
N LYS A 279 12.97 -10.21 -29.19
CA LYS A 279 14.40 -10.21 -29.45
C LYS A 279 15.12 -9.60 -28.26
N ASN A 280 16.18 -10.28 -27.80
CA ASN A 280 17.01 -9.77 -26.71
C ASN A 280 18.01 -8.78 -27.31
N MET A 281 17.52 -7.56 -27.52
CA MET A 281 18.33 -6.49 -28.10
C MET A 281 18.60 -5.36 -27.10
N LEU A 282 18.22 -5.53 -25.84
CA LEU A 282 18.49 -4.53 -24.83
C LEU A 282 19.88 -4.73 -24.24
N SER A 283 20.36 -3.69 -23.55
CA SER A 283 21.69 -3.75 -22.95
C SER A 283 21.75 -4.69 -21.75
N ASN A 284 20.61 -4.94 -21.09
CA ASN A 284 20.54 -5.80 -19.91
C ASN A 284 21.48 -5.31 -18.81
N LEU A 285 21.64 -3.99 -18.69
CA LEU A 285 22.55 -3.40 -17.72
C LEU A 285 21.88 -2.96 -16.43
N SER A 286 20.54 -2.96 -16.39
CA SER A 286 19.85 -2.45 -15.22
C SER A 286 20.20 -3.16 -13.90
N PRO A 287 20.30 -4.49 -13.83
CA PRO A 287 20.71 -5.09 -12.55
C PRO A 287 22.07 -4.62 -12.07
N TYR A 288 23.03 -4.47 -12.99
CA TYR A 288 24.34 -3.95 -12.62
C TYR A 288 24.30 -2.45 -12.40
N LEU A 289 23.44 -1.72 -13.12
CA LEU A 289 23.34 -0.28 -12.93
C LEU A 289 22.66 0.08 -11.62
N HIS A 290 21.70 -0.73 -11.17
CA HIS A 290 21.01 -0.44 -9.92
C HIS A 290 21.94 -0.63 -8.72
N PHE A 291 22.53 -1.81 -8.59
CA PHE A 291 23.40 -2.11 -7.46
C PHE A 291 24.72 -1.36 -7.51
N GLY A 292 24.96 -0.55 -8.55
CA GLY A 292 26.21 0.16 -8.67
C GLY A 292 27.38 -0.68 -9.12
N GLN A 293 27.14 -1.91 -9.56
CA GLN A 293 28.23 -2.78 -10.02
C GLN A 293 28.86 -2.30 -11.32
N ILE A 294 28.26 -1.32 -11.98
CA ILE A 294 28.83 -0.73 -13.19
C ILE A 294 28.42 0.73 -13.24
N SER A 295 29.32 1.57 -13.73
CA SER A 295 29.07 3.00 -13.80
C SER A 295 28.39 3.35 -15.11
N SER A 296 27.26 4.07 -15.02
CA SER A 296 26.60 4.55 -16.23
C SER A 296 27.51 5.50 -17.00
N GLN A 297 28.32 6.28 -16.30
CA GLN A 297 29.24 7.20 -16.96
C GLN A 297 30.23 6.43 -17.83
N ARG A 298 30.72 5.29 -17.35
CA ARG A 298 31.62 4.47 -18.15
C ARG A 298 30.94 3.96 -19.40
N VAL A 299 29.66 3.55 -19.30
CA VAL A 299 28.94 3.06 -20.45
C VAL A 299 28.82 4.14 -21.52
N VAL A 300 28.51 5.37 -21.10
CA VAL A 300 28.39 6.48 -22.04
C VAL A 300 29.74 6.77 -22.69
N LEU A 301 30.83 6.67 -21.93
CA LEU A 301 32.15 6.88 -22.50
C LEU A 301 32.44 5.86 -23.60
N GLU A 302 32.17 4.59 -23.33
CA GLU A 302 32.39 3.56 -24.34
C GLU A 302 31.38 3.66 -25.48
N VAL A 303 30.16 4.08 -25.19
CA VAL A 303 29.15 4.24 -26.23
C VAL A 303 29.50 5.42 -27.13
N GLU A 304 29.84 6.56 -26.52
CA GLU A 304 30.10 7.77 -27.31
C GLU A 304 31.27 7.57 -28.26
N LYS A 305 32.29 6.84 -27.84
CA LYS A 305 33.43 6.55 -28.70
C LYS A 305 33.12 5.47 -29.73
N ALA A 306 32.06 4.69 -29.53
CA ALA A 306 31.72 3.62 -30.46
C ALA A 306 31.14 4.19 -31.75
N GLU A 307 31.43 3.51 -32.85
CA GLU A 307 30.94 3.90 -34.18
CA GLU A 307 30.94 3.89 -34.18
C GLU A 307 29.80 2.96 -34.54
N SER A 308 28.58 3.37 -34.19
CA SER A 308 27.39 2.56 -34.44
C SER A 308 26.33 3.39 -35.15
N ASN A 309 25.12 2.86 -35.25
CA ASN A 309 24.03 3.57 -35.90
C ASN A 309 23.70 4.84 -35.13
N PRO A 310 23.77 6.02 -35.77
CA PRO A 310 23.48 7.26 -35.03
C PRO A 310 22.07 7.31 -34.46
N GLY A 311 21.10 6.71 -35.14
CA GLY A 311 19.76 6.64 -34.58
C GLY A 311 19.70 5.81 -33.32
N SER A 312 20.38 4.66 -33.33
CA SER A 312 20.45 3.83 -32.12
C SER A 312 21.32 4.48 -31.05
N LYS A 313 22.28 5.30 -31.45
CA LYS A 313 23.15 5.97 -30.49
C LYS A 313 22.36 6.95 -29.62
N LYS A 314 21.56 7.80 -30.25
CA LYS A 314 20.78 8.79 -29.50
C LYS A 314 19.67 8.11 -28.71
N ALA A 315 19.07 7.06 -29.25
CA ALA A 315 18.00 6.36 -28.56
C ALA A 315 18.50 5.74 -27.25
N PHE A 316 19.67 5.10 -27.28
CA PHE A 316 20.20 4.51 -26.07
C PHE A 316 20.72 5.57 -25.11
N LEU A 317 21.35 6.62 -25.64
CA LEU A 317 21.88 7.67 -24.78
C LEU A 317 20.76 8.40 -24.05
N ASP A 318 19.64 8.67 -24.74
CA ASP A 318 18.53 9.34 -24.09
C ASP A 318 17.93 8.50 -22.96
N GLU A 319 18.03 7.17 -23.06
CA GLU A 319 17.50 6.31 -22.00
C GLU A 319 18.41 6.33 -20.78
N ILE A 320 19.74 6.30 -20.99
CA ILE A 320 20.67 6.22 -19.88
C ILE A 320 21.13 7.59 -19.37
N LEU A 321 20.93 8.66 -20.15
CA LEU A 321 21.21 10.02 -19.69
C LEU A 321 19.96 10.75 -19.22
N ILE A 322 18.99 10.93 -20.10
CA ILE A 322 17.83 11.76 -19.77
C ILE A 322 16.90 11.02 -18.81
N TRP A 323 16.45 9.83 -19.21
CA TRP A 323 15.44 9.14 -18.43
C TRP A 323 16.00 8.46 -17.20
N LYS A 324 17.26 8.03 -17.24
CA LYS A 324 17.85 7.41 -16.05
C LYS A 324 18.07 8.45 -14.95
N GLU A 325 18.52 9.65 -15.31
CA GLU A 325 18.82 10.68 -14.33
C GLU A 325 17.63 11.57 -13.99
N ILE A 326 16.56 11.54 -14.79
CA ILE A 326 15.35 12.25 -14.38
C ILE A 326 14.63 11.46 -13.28
N SER A 327 14.84 10.14 -13.24
CA SER A 327 14.28 9.34 -12.15
C SER A 327 14.86 9.76 -10.81
N ASP A 328 16.17 10.01 -10.78
CA ASP A 328 16.78 10.57 -9.57
C ASP A 328 16.25 11.97 -9.28
N ASN A 329 16.05 12.78 -10.32
CA ASN A 329 15.50 14.12 -10.13
C ASN A 329 14.09 14.06 -9.58
N PHE A 330 13.28 13.12 -10.07
CA PHE A 330 11.91 13.00 -9.58
C PHE A 330 11.87 12.54 -8.13
N CYS A 331 12.77 11.66 -7.73
CA CYS A 331 12.80 11.17 -6.36
C CYS A 331 13.52 12.11 -5.41
N TYR A 332 14.31 13.05 -5.93
CA TYR A 332 15.05 13.98 -5.07
C TYR A 332 14.21 15.19 -4.67
N TYR A 333 13.34 15.67 -5.56
CA TYR A 333 12.54 16.85 -5.30
C TYR A 333 11.10 16.54 -4.94
N ASN A 334 10.67 15.28 -5.09
CA ASN A 334 9.34 14.85 -4.68
C ASN A 334 9.47 13.72 -3.66
N PRO A 335 9.38 14.01 -2.36
CA PRO A 335 9.51 12.94 -1.36
C PRO A 335 8.44 11.86 -1.49
N GLY A 336 7.25 12.20 -1.95
CA GLY A 336 6.21 11.22 -2.15
C GLY A 336 6.20 10.64 -3.54
N TYR A 337 7.37 10.19 -4.01
CA TYR A 337 7.49 9.69 -5.38
C TYR A 337 6.68 8.42 -5.61
N ASP A 338 6.41 7.65 -4.55
CA ASP A 338 5.66 6.41 -4.65
C ASP A 338 4.20 6.57 -4.22
N GLY A 339 3.69 7.80 -4.23
CA GLY A 339 2.33 8.06 -3.77
C GLY A 339 1.51 8.77 -4.84
N PHE A 340 0.20 8.84 -4.59
CA PHE A 340 -0.73 9.49 -5.51
C PHE A 340 -0.54 11.00 -5.56
N GLU A 341 0.11 11.59 -4.56
CA GLU A 341 0.23 13.05 -4.50
C GLU A 341 1.26 13.57 -5.51
N SER A 342 2.27 12.77 -5.85
CA SER A 342 3.29 13.23 -6.80
C SER A 342 2.76 13.33 -8.22
N PHE A 343 1.57 12.82 -8.50
CA PHE A 343 1.01 12.88 -9.84
C PHE A 343 0.67 14.33 -10.20
N PRO A 344 0.77 14.69 -11.48
CA PRO A 344 0.45 16.06 -11.89
C PRO A 344 -1.01 16.40 -11.63
N SER A 345 -1.29 17.71 -11.66
CA SER A 345 -2.64 18.18 -11.34
C SER A 345 -3.67 17.65 -12.34
N TRP A 346 -3.32 17.61 -13.62
CA TRP A 346 -4.27 17.11 -14.62
C TRP A 346 -4.54 15.63 -14.43
N ALA A 347 -3.53 14.86 -14.04
CA ALA A 347 -3.71 13.42 -13.89
C ALA A 347 -4.52 13.10 -12.63
N LYS A 348 -4.28 13.84 -11.55
CA LYS A 348 -5.01 13.58 -10.31
C LYS A 348 -6.50 13.86 -10.47
N GLU A 349 -6.85 14.93 -11.17
CA GLU A 349 -8.26 15.26 -11.38
C GLU A 349 -8.94 14.24 -12.29
N SER A 350 -8.22 13.74 -13.30
CA SER A 350 -8.81 12.75 -14.20
C SER A 350 -9.05 11.43 -13.50
N LEU A 351 -8.10 10.97 -12.69
CA LEU A 351 -8.27 9.70 -11.97
C LEU A 351 -9.30 9.82 -10.86
N ASN A 352 -9.39 10.98 -10.22
CA ASN A 352 -10.38 11.17 -9.16
C ASN A 352 -11.80 11.13 -9.70
N ALA A 353 -12.01 11.63 -10.92
CA ALA A 353 -13.35 11.62 -11.49
C ALA A 353 -13.80 10.21 -11.86
N HIS A 354 -12.86 9.37 -12.32
CA HIS A 354 -13.17 8.01 -12.77
C HIS A 354 -13.02 6.98 -11.66
N ARG A 355 -13.14 7.39 -10.39
CA ARG A 355 -13.01 6.44 -9.29
C ARG A 355 -14.25 5.54 -9.17
N ASN A 356 -15.43 6.05 -9.53
CA ASN A 356 -16.66 5.28 -9.45
C ASN A 356 -16.96 4.48 -10.71
N ASP A 357 -16.09 4.55 -11.72
CA ASP A 357 -16.31 3.81 -12.95
C ASP A 357 -16.22 2.31 -12.69
N VAL A 358 -17.14 1.56 -13.29
CA VAL A 358 -17.14 0.11 -13.14
C VAL A 358 -15.96 -0.48 -13.91
N ARG A 359 -15.15 -1.27 -13.23
CA ARG A 359 -13.99 -1.89 -13.86
C ARG A 359 -14.41 -3.19 -14.54
N SER A 360 -13.91 -3.39 -15.77
CA SER A 360 -14.21 -4.61 -16.49
C SER A 360 -13.74 -5.85 -15.74
N HIS A 361 -12.62 -5.73 -15.01
CA HIS A 361 -12.12 -6.83 -14.20
C HIS A 361 -11.46 -6.24 -12.96
N ILE A 362 -11.54 -7.00 -11.86
CA ILE A 362 -10.92 -6.63 -10.60
C ILE A 362 -10.05 -7.79 -10.14
N TYR A 363 -8.76 -7.52 -9.96
CA TYR A 363 -7.80 -8.53 -9.53
C TYR A 363 -7.09 -8.04 -8.27
N THR A 364 -6.82 -8.97 -7.36
CA THR A 364 -6.12 -8.65 -6.13
C THR A 364 -4.62 -8.77 -6.34
N LEU A 365 -3.86 -8.55 -5.26
CA LEU A 365 -2.41 -8.65 -5.34
C LEU A 365 -1.96 -10.09 -5.65
N GLU A 366 -2.67 -11.07 -5.09
CA GLU A 366 -2.28 -12.47 -5.28
C GLU A 366 -2.51 -12.92 -6.72
N GLU A 367 -3.57 -12.44 -7.37
CA GLU A 367 -3.82 -12.82 -8.75
C GLU A 367 -2.87 -12.14 -9.72
N PHE A 368 -2.55 -10.87 -9.48
CA PHE A 368 -1.54 -10.21 -10.31
C PHE A 368 -0.18 -10.88 -10.14
N GLU A 369 0.15 -11.28 -8.91
CA GLU A 369 1.44 -11.91 -8.64
C GLU A 369 1.58 -13.25 -9.35
N ALA A 370 0.53 -14.07 -9.32
CA ALA A 370 0.58 -15.41 -9.90
C ALA A 370 0.22 -15.46 -11.37
N GLY A 371 -0.04 -14.31 -11.99
CA GLY A 371 -0.45 -14.27 -13.39
C GLY A 371 -1.82 -14.86 -13.63
N LYS A 372 -2.76 -14.65 -12.70
CA LYS A 372 -4.12 -15.16 -12.83
C LYS A 372 -5.04 -14.07 -13.37
N THR A 373 -4.77 -13.67 -14.60
CA THR A 373 -5.57 -12.66 -15.29
C THR A 373 -6.09 -13.20 -16.61
N HIS A 374 -7.14 -12.58 -17.12
CA HIS A 374 -7.72 -12.97 -18.40
C HIS A 374 -6.85 -12.60 -19.59
N ASP A 375 -5.79 -11.83 -19.38
CA ASP A 375 -4.93 -11.40 -20.47
C ASP A 375 -3.71 -12.31 -20.55
N PRO A 376 -3.56 -13.10 -21.61
CA PRO A 376 -2.36 -13.94 -21.73
C PRO A 376 -1.06 -13.13 -21.82
N LEU A 377 -1.09 -11.95 -22.43
CA LEU A 377 0.13 -11.17 -22.58
C LEU A 377 0.56 -10.53 -21.27
N TRP A 378 -0.40 -10.11 -20.44
CA TRP A 378 -0.05 -9.66 -19.10
C TRP A 378 0.54 -10.80 -18.29
N ASN A 379 -0.05 -12.00 -18.40
CA ASN A 379 0.48 -13.16 -17.68
C ASN A 379 1.89 -13.50 -18.14
N ALA A 380 2.14 -13.43 -19.45
CA ALA A 380 3.48 -13.66 -19.97
C ALA A 380 4.45 -12.61 -19.47
N SER A 381 4.00 -11.36 -19.37
CA SER A 381 4.85 -10.31 -18.81
C SER A 381 5.18 -10.60 -17.35
N GLN A 382 4.21 -11.08 -16.59
CA GLN A 382 4.47 -11.46 -15.21
C GLN A 382 5.33 -12.72 -15.14
N MET A 383 5.12 -13.66 -16.07
CA MET A 383 5.89 -14.89 -16.07
C MET A 383 7.36 -14.62 -16.33
N GLU A 384 7.66 -13.71 -17.25
CA GLU A 384 9.05 -13.32 -17.49
C GLU A 384 9.65 -12.65 -16.25
N LEU A 385 8.86 -11.83 -15.57
CA LEU A 385 9.33 -11.19 -14.33
C LEU A 385 9.62 -12.21 -13.24
N LEU A 386 8.78 -13.24 -13.10
CA LEU A 386 8.99 -14.22 -12.04
C LEU A 386 10.19 -15.11 -12.34
N SER A 387 10.35 -15.54 -13.60
CA SER A 387 11.39 -16.51 -13.93
C SER A 387 12.75 -15.85 -14.10
N THR A 388 12.83 -14.83 -14.95
CA THR A 388 14.11 -14.20 -15.26
C THR A 388 14.48 -13.08 -14.30
N GLY A 389 13.49 -12.46 -13.64
CA GLY A 389 13.76 -11.33 -12.78
C GLY A 389 13.98 -10.02 -13.49
N LYS A 390 13.71 -9.96 -14.80
CA LYS A 390 13.90 -8.72 -15.56
C LYS A 390 12.90 -8.73 -16.71
N MET A 391 11.80 -8.00 -16.54
CA MET A 391 10.84 -7.84 -17.63
C MET A 391 11.42 -6.92 -18.71
N HIS A 392 10.95 -7.11 -19.94
CA HIS A 392 11.37 -6.25 -21.03
C HIS A 392 10.87 -4.83 -20.82
N GLY A 393 11.62 -3.87 -21.35
CA GLY A 393 11.30 -2.47 -21.11
C GLY A 393 9.94 -2.07 -21.67
N TYR A 394 9.59 -2.58 -22.86
CA TYR A 394 8.32 -2.21 -23.46
C TYR A 394 7.14 -2.84 -22.72
N THR A 395 7.25 -4.13 -22.38
CA THR A 395 6.15 -4.82 -21.72
C THR A 395 5.96 -4.38 -20.28
N ARG A 396 6.92 -3.64 -19.71
CA ARG A 396 6.75 -3.14 -18.35
C ARG A 396 5.64 -2.10 -18.27
N MET A 397 5.45 -1.33 -19.35
CA MET A 397 4.38 -0.33 -19.36
C MET A 397 3.01 -1.00 -19.42
N TYR A 398 2.85 -1.98 -20.31
CA TYR A 398 1.59 -2.72 -20.39
C TYR A 398 1.31 -3.47 -19.10
N TRP A 399 2.35 -4.07 -18.51
CA TRP A 399 2.20 -4.75 -17.23
C TRP A 399 1.75 -3.79 -16.13
N ALA A 400 2.16 -2.53 -16.21
CA ALA A 400 1.81 -1.54 -15.19
C ALA A 400 0.50 -0.82 -15.51
N LYS A 401 0.22 -0.55 -16.78
CA LYS A 401 -0.99 0.18 -17.14
C LYS A 401 -2.23 -0.69 -16.97
N LYS A 402 -2.14 -1.97 -17.28
CA LYS A 402 -3.28 -2.86 -17.10
C LYS A 402 -3.61 -3.07 -15.63
N ILE A 403 -2.61 -2.94 -14.75
CA ILE A 403 -2.87 -3.02 -13.32
C ILE A 403 -3.80 -1.89 -12.89
N LEU A 404 -3.55 -0.68 -13.38
CA LEU A 404 -4.45 0.44 -13.08
C LEU A 404 -5.84 0.19 -13.65
N GLU A 405 -5.92 -0.37 -14.85
CA GLU A 405 -7.21 -0.66 -15.48
C GLU A 405 -7.97 -1.76 -14.76
N TRP A 406 -7.29 -2.64 -14.03
CA TRP A 406 -7.95 -3.75 -13.37
C TRP A 406 -7.73 -3.73 -11.86
N SER A 407 -7.88 -2.56 -11.25
CA SER A 407 -7.70 -2.40 -9.81
CA SER A 407 -7.70 -2.40 -9.81
C SER A 407 -8.88 -1.64 -9.23
N GLU A 408 -9.02 -1.74 -7.91
CA GLU A 408 -10.10 -1.05 -7.21
C GLU A 408 -9.98 0.47 -7.35
N SER A 409 -8.85 1.01 -6.91
CA SER A 409 -8.60 2.44 -6.89
C SER A 409 -7.21 2.72 -7.43
N PRO A 410 -6.94 3.95 -7.88
CA PRO A 410 -5.57 4.28 -8.31
C PRO A 410 -4.53 4.06 -7.22
N GLU A 411 -4.91 4.26 -5.95
CA GLU A 411 -3.98 3.94 -4.86
C GLU A 411 -3.68 2.45 -4.81
N LYS A 412 -4.70 1.60 -4.99
CA LYS A 412 -4.47 0.16 -5.00
C LYS A 412 -3.63 -0.26 -6.20
N ALA A 413 -3.79 0.43 -7.34
CA ALA A 413 -2.96 0.15 -8.50
C ALA A 413 -1.50 0.47 -8.22
N LEU A 414 -1.25 1.64 -7.62
CA LEU A 414 0.12 2.01 -7.26
C LEU A 414 0.67 1.05 -6.20
N GLU A 415 -0.18 0.63 -5.26
CA GLU A 415 0.25 -0.33 -4.25
C GLU A 415 0.73 -1.64 -4.88
N ILE A 416 -0.04 -2.17 -5.83
CA ILE A 416 0.31 -3.44 -6.45
C ILE A 416 1.55 -3.29 -7.34
N ALA A 417 1.63 -2.18 -8.08
CA ALA A 417 2.73 -1.99 -9.01
C ALA A 417 4.08 -1.95 -8.30
N ILE A 418 4.19 -1.12 -7.26
CA ILE A 418 5.45 -1.01 -6.52
C ILE A 418 5.79 -2.33 -5.83
N CYS A 419 4.78 -2.97 -5.22
CA CYS A 419 5.02 -4.21 -4.51
C CYS A 419 5.52 -5.30 -5.44
N LEU A 420 4.90 -5.44 -6.61
CA LEU A 420 5.35 -6.44 -7.58
C LEU A 420 6.65 -6.03 -8.26
N ASN A 421 6.95 -4.73 -8.31
CA ASN A 421 8.20 -4.28 -8.93
C ASN A 421 9.38 -4.47 -7.99
N ASP A 422 9.26 -4.01 -6.74
CA ASP A 422 10.36 -4.07 -5.80
C ASP A 422 10.63 -5.47 -5.28
N ARG A 423 9.75 -6.44 -5.56
CA ARG A 423 9.91 -7.78 -5.00
C ARG A 423 10.65 -8.72 -5.95
N TYR A 424 10.30 -8.72 -7.24
CA TYR A 424 10.84 -9.70 -8.17
C TYR A 424 11.77 -9.12 -9.23
N GLU A 425 11.83 -7.80 -9.38
CA GLU A 425 12.71 -7.21 -10.38
C GLU A 425 14.13 -7.10 -9.82
N LEU A 426 15.10 -7.56 -10.61
CA LEU A 426 16.50 -7.44 -10.20
C LEU A 426 16.95 -5.98 -10.11
N ASP A 427 16.22 -5.06 -10.74
CA ASP A 427 16.48 -3.63 -10.66
C ASP A 427 15.43 -2.89 -9.85
N GLY A 428 14.72 -3.60 -8.97
CA GLY A 428 13.69 -2.98 -8.15
C GLY A 428 14.28 -2.14 -7.04
N ARG A 429 13.39 -1.45 -6.32
CA ARG A 429 13.77 -0.51 -5.26
C ARG A 429 14.75 0.53 -5.79
N ASP A 430 14.43 1.09 -6.94
CA ASP A 430 15.27 2.07 -7.60
C ASP A 430 14.44 3.28 -8.00
N PRO A 431 15.05 4.47 -8.02
CA PRO A 431 14.34 5.63 -8.56
C PRO A 431 13.87 5.42 -10.00
N ASN A 432 14.61 4.61 -10.77
CA ASN A 432 14.19 4.28 -12.12
C ASN A 432 12.84 3.57 -12.13
N GLY A 433 12.53 2.84 -11.06
CA GLY A 433 11.27 2.13 -10.96
C GLY A 433 10.12 2.99 -10.50
N TYR A 434 10.35 3.81 -9.46
CA TYR A 434 9.30 4.68 -8.96
C TYR A 434 8.90 5.71 -10.01
N ALA A 435 9.88 6.30 -10.71
CA ALA A 435 9.56 7.24 -11.78
C ALA A 435 8.91 6.53 -12.96
N GLY A 436 9.38 5.32 -13.27
CA GLY A 436 8.77 4.57 -14.37
C GLY A 436 7.34 4.16 -14.08
N ILE A 437 7.07 3.76 -12.83
CA ILE A 437 5.69 3.40 -12.46
C ILE A 437 4.79 4.63 -12.49
N ALA A 438 5.26 5.75 -11.94
CA ALA A 438 4.46 6.97 -11.93
C ALA A 438 4.18 7.47 -13.34
N TRP A 439 5.06 7.15 -14.29
CA TRP A 439 4.79 7.51 -15.68
C TRP A 439 3.65 6.70 -16.26
N SER A 440 3.62 5.39 -15.95
CA SER A 440 2.59 4.52 -16.51
C SER A 440 1.24 4.70 -15.81
N ILE A 441 1.25 5.01 -14.53
CA ILE A 441 0.04 5.08 -13.72
C ILE A 441 -0.43 6.52 -13.54
N GLY A 442 0.46 7.40 -13.11
CA GLY A 442 0.10 8.78 -12.82
C GLY A 442 0.46 9.80 -13.87
N GLY A 443 0.94 9.38 -15.04
CA GLY A 443 1.27 10.32 -16.10
C GLY A 443 2.40 11.27 -15.78
N VAL A 444 3.27 10.92 -14.83
CA VAL A 444 4.42 11.77 -14.52
C VAL A 444 5.39 11.75 -15.69
N HIS A 445 5.88 12.92 -16.06
CA HIS A 445 6.73 13.11 -17.25
C HIS A 445 6.01 12.65 -18.51
N ASP A 446 4.69 12.84 -18.54
CA ASP A 446 3.88 12.47 -19.68
C ASP A 446 2.86 13.59 -19.93
N ARG A 447 1.94 13.35 -20.86
CA ARG A 447 0.89 14.30 -21.18
C ARG A 447 -0.45 13.58 -21.23
N ALA A 448 -1.52 14.36 -21.40
CA ALA A 448 -2.85 13.79 -21.47
C ALA A 448 -3.11 13.18 -22.85
N TRP A 449 -4.04 12.24 -22.89
CA TRP A 449 -4.39 11.52 -24.11
C TRP A 449 -5.90 11.43 -24.21
N GLY A 450 -6.38 10.57 -25.09
CA GLY A 450 -7.82 10.44 -25.29
C GLY A 450 -8.52 10.04 -24.00
N GLU A 451 -9.66 10.69 -23.75
CA GLU A 451 -10.41 10.42 -22.53
C GLU A 451 -11.05 9.03 -22.59
N ARG A 452 -10.85 8.26 -21.53
CA ARG A 452 -11.34 6.89 -21.46
C ARG A 452 -11.92 6.63 -20.08
N GLU A 453 -12.74 5.59 -19.99
CA GLU A 453 -13.27 5.16 -18.71
C GLU A 453 -12.15 4.56 -17.86
N VAL A 454 -12.32 4.67 -16.54
CA VAL A 454 -11.39 4.13 -15.55
C VAL A 454 -10.01 4.77 -15.72
N THR A 455 -9.36 4.53 -16.86
CA THR A 455 -8.03 5.07 -17.10
C THR A 455 -8.03 6.59 -17.06
N GLY A 456 -9.09 7.22 -17.57
CA GLY A 456 -9.12 8.67 -17.62
C GLY A 456 -8.36 9.17 -18.81
N LYS A 457 -7.53 10.20 -18.59
CA LYS A 457 -6.70 10.77 -19.64
C LYS A 457 -5.29 10.21 -19.63
N ILE A 458 -5.01 9.23 -18.77
CA ILE A 458 -3.70 8.60 -18.76
C ILE A 458 -3.47 7.84 -20.06
N ARG A 459 -2.21 7.74 -20.47
CA ARG A 459 -1.87 7.05 -21.71
C ARG A 459 -2.37 5.62 -21.67
N TYR A 460 -3.04 5.21 -22.75
CA TYR A 460 -3.69 3.91 -22.84
C TYR A 460 -2.91 2.98 -23.76
N MET A 461 -2.79 1.73 -23.36
CA MET A 461 -2.15 0.69 -24.15
C MET A 461 -3.08 -0.50 -24.25
N SER A 462 -3.23 -1.04 -25.46
CA SER A 462 -4.17 -2.12 -25.72
C SER A 462 -3.43 -3.35 -26.23
N TYR A 463 -4.12 -4.49 -26.15
CA TYR A 463 -3.58 -5.73 -26.71
C TYR A 463 -3.37 -5.62 -28.21
N GLU A 464 -4.34 -5.01 -28.91
CA GLU A 464 -4.24 -4.88 -30.36
C GLU A 464 -3.07 -3.99 -30.77
N GLY A 465 -2.77 -2.96 -29.97
CA GLY A 465 -1.62 -2.13 -30.25
C GLY A 465 -0.31 -2.88 -30.17
N CYS A 466 -0.23 -3.86 -29.26
CA CYS A 466 0.98 -4.67 -29.15
C CYS A 466 1.09 -5.67 -30.29
N LYS A 467 -0.03 -6.17 -30.80
CA LYS A 467 0.01 -7.15 -31.87
C LYS A 467 0.55 -6.57 -33.17
N ARG A 468 0.32 -5.27 -33.40
CA ARG A 468 0.78 -4.65 -34.63
C ARG A 468 2.24 -4.23 -34.59
N LYS A 469 2.86 -4.18 -33.41
CA LYS A 469 4.23 -3.74 -33.28
C LYS A 469 5.23 -4.88 -33.14
N PHE A 470 4.81 -6.01 -32.56
CA PHE A 470 5.70 -7.15 -32.41
C PHE A 470 4.86 -8.42 -32.37
N ASP A 471 5.54 -9.55 -32.61
CA ASP A 471 4.87 -10.85 -32.59
C ASP A 471 4.52 -11.23 -31.16
N VAL A 472 3.29 -10.93 -30.75
CA VAL A 472 2.88 -11.20 -29.37
C VAL A 472 2.87 -12.70 -29.11
N LYS A 473 2.39 -13.49 -30.08
CA LYS A 473 2.26 -14.93 -29.87
C LYS A 473 3.60 -15.57 -29.54
N LEU A 474 4.68 -15.11 -30.17
CA LEU A 474 6.01 -15.63 -29.84
C LEU A 474 6.40 -15.27 -28.40
N TYR A 475 5.91 -14.15 -27.88
CA TYR A 475 6.20 -13.77 -26.52
C TYR A 475 5.42 -14.62 -25.52
N ILE A 476 4.20 -15.03 -25.86
CA ILE A 476 3.37 -15.79 -24.93
C ILE A 476 3.92 -17.21 -24.77
N GLU A 477 4.23 -17.86 -25.89
CA GLU A 477 4.66 -19.26 -25.85
C GLU A 477 5.99 -19.42 -25.13
N LYS A 478 6.84 -18.38 -25.15
CA LYS A 478 8.12 -18.46 -24.45
C LYS A 478 7.93 -18.55 -22.95
N TYR A 479 6.95 -17.82 -22.40
CA TYR A 479 6.69 -17.77 -20.97
C TYR A 479 5.32 -18.35 -20.66
N SER A 480 4.99 -19.48 -21.28
CA SER A 480 3.73 -20.18 -21.07
C SER A 480 2.53 -19.29 -21.45
N LEU B 14 -44.68 2.23 -3.99
CA LEU B 14 -43.46 1.45 -3.84
C LEU B 14 -43.50 0.61 -2.56
N VAL B 15 -44.44 0.93 -1.68
CA VAL B 15 -44.55 0.24 -0.40
C VAL B 15 -45.91 -0.45 -0.28
N PRO B 16 -45.96 -1.65 0.29
CA PRO B 16 -47.25 -2.30 0.54
C PRO B 16 -48.13 -1.52 1.51
N ARG B 17 -49.43 -1.63 1.29
CA ARG B 17 -50.44 -1.11 2.20
C ARG B 17 -50.51 -2.02 3.42
N GLY B 18 -50.49 -1.43 4.61
CA GLY B 18 -50.51 -2.21 5.83
C GLY B 18 -49.23 -2.96 6.13
N SER B 19 -48.08 -2.37 5.79
CA SER B 19 -46.79 -3.00 6.03
C SER B 19 -45.94 -2.27 7.07
N HIS B 20 -46.26 -1.02 7.38
CA HIS B 20 -45.51 -0.19 8.32
C HIS B 20 -44.03 -0.14 7.92
N MET B 21 -43.79 0.32 6.70
CA MET B 21 -42.45 0.42 6.14
CA MET B 21 -42.45 0.43 6.15
C MET B 21 -42.25 1.83 5.61
N ASN B 22 -41.25 2.53 6.16
CA ASN B 22 -40.94 3.87 5.67
C ASN B 22 -40.33 3.75 4.28
N PRO B 23 -40.89 4.39 3.26
CA PRO B 23 -40.40 4.18 1.89
C PRO B 23 -39.08 4.87 1.60
N LYS B 24 -38.52 5.62 2.55
CA LYS B 24 -37.24 6.29 2.33
C LYS B 24 -36.04 5.47 2.77
N ARG B 25 -36.26 4.25 3.26
CA ARG B 25 -35.18 3.31 3.48
C ARG B 25 -34.84 2.51 2.23
N ILE B 26 -35.61 2.66 1.15
CA ILE B 26 -35.43 1.90 -0.08
C ILE B 26 -35.01 2.86 -1.17
N ARG B 27 -34.06 2.42 -2.00
CA ARG B 27 -33.61 3.19 -3.16
C ARG B 27 -33.70 2.28 -4.39
N ALA B 28 -34.34 2.78 -5.44
CA ALA B 28 -34.55 2.00 -6.65
C ALA B 28 -33.32 2.12 -7.54
N LEU B 29 -32.56 1.04 -7.67
CA LEU B 29 -31.37 1.04 -8.53
C LEU B 29 -31.72 0.82 -9.99
N LYS B 30 -32.74 0.01 -10.28
CA LYS B 30 -33.10 -0.30 -11.65
C LYS B 30 -34.57 -0.70 -11.70
N SER B 31 -35.32 -0.08 -12.60
CA SER B 31 -36.73 -0.37 -12.79
C SER B 31 -36.93 -1.35 -13.94
N GLY B 32 -38.14 -1.88 -14.04
CA GLY B 32 -38.47 -2.82 -15.09
C GLY B 32 -39.72 -3.59 -14.75
N LYS B 33 -40.03 -4.54 -15.63
CA LYS B 33 -41.21 -5.38 -15.43
C LYS B 33 -40.99 -6.37 -14.30
N GLN B 34 -41.94 -6.45 -13.39
CA GLN B 34 -41.84 -7.38 -12.28
C GLN B 34 -42.09 -8.81 -12.76
N GLY B 35 -41.17 -9.72 -12.44
CA GLY B 35 -41.27 -11.07 -12.91
C GLY B 35 -42.33 -11.87 -12.17
N ASP B 36 -42.54 -13.09 -12.64
CA ASP B 36 -43.52 -14.00 -12.06
C ASP B 36 -42.93 -14.90 -10.99
N GLY B 37 -41.66 -14.76 -10.67
CA GLY B 37 -41.00 -15.64 -9.73
C GLY B 37 -40.83 -15.04 -8.34
N PRO B 38 -40.05 -15.71 -7.51
CA PRO B 38 -39.90 -15.26 -6.12
C PRO B 38 -39.04 -14.02 -5.99
N VAL B 39 -39.22 -13.32 -4.88
CA VAL B 39 -38.39 -12.17 -4.54
C VAL B 39 -37.09 -12.66 -3.93
N VAL B 40 -35.97 -12.21 -4.48
CA VAL B 40 -34.65 -12.68 -4.07
C VAL B 40 -33.97 -11.55 -3.30
N TYR B 41 -33.55 -11.85 -2.06
CA TYR B 41 -32.83 -10.91 -1.23
C TYR B 41 -31.34 -11.25 -1.26
N TRP B 42 -30.53 -10.29 -1.69
CA TRP B 42 -29.08 -10.46 -1.76
C TRP B 42 -28.47 -9.91 -0.48
N MET B 43 -28.27 -10.81 0.49
CA MET B 43 -27.71 -10.44 1.78
C MET B 43 -26.18 -10.36 1.67
N SER B 44 -25.62 -9.20 1.96
CA SER B 44 -24.17 -9.06 1.97
C SER B 44 -23.61 -8.43 3.23
N ARG B 45 -24.29 -7.42 3.78
CA ARG B 45 -23.77 -6.67 4.92
C ARG B 45 -24.48 -7.00 6.23
N ASP B 46 -25.81 -7.03 6.21
CA ASP B 46 -26.61 -7.33 7.40
C ASP B 46 -26.94 -8.81 7.39
N GLN B 47 -26.18 -9.60 8.15
CA GLN B 47 -26.37 -11.04 8.20
C GLN B 47 -27.15 -11.39 9.47
N ARG B 48 -28.48 -11.23 9.36
CA ARG B 48 -29.38 -11.57 10.45
C ARG B 48 -30.77 -11.80 9.86
N ALA B 49 -31.59 -12.54 10.60
CA ALA B 49 -32.95 -12.82 10.18
C ALA B 49 -33.95 -11.82 10.76
N GLU B 50 -33.82 -11.50 12.04
CA GLU B 50 -34.71 -10.55 12.69
C GLU B 50 -34.07 -9.16 12.68
N ASP B 51 -34.92 -8.14 12.83
CA ASP B 51 -34.50 -6.74 12.90
C ASP B 51 -33.78 -6.30 11.62
N ASN B 52 -34.17 -6.88 10.49
CA ASN B 52 -33.54 -6.59 9.20
C ASN B 52 -34.54 -5.86 8.32
N TRP B 53 -34.28 -4.58 8.05
CA TRP B 53 -35.14 -3.82 7.15
C TRP B 53 -35.12 -4.40 5.74
N ALA B 54 -33.94 -4.83 5.29
CA ALA B 54 -33.83 -5.38 3.94
C ALA B 54 -34.64 -6.67 3.80
N LEU B 55 -34.59 -7.53 4.82
CA LEU B 55 -35.37 -8.76 4.78
C LEU B 55 -36.86 -8.49 5.00
N LEU B 56 -37.19 -7.53 5.88
CA LEU B 56 -38.59 -7.18 6.08
C LEU B 56 -39.20 -6.58 4.82
N PHE B 57 -38.38 -5.90 4.01
CA PHE B 57 -38.88 -5.37 2.74
C PHE B 57 -39.14 -6.50 1.75
N SER B 58 -38.17 -7.41 1.60
CA SER B 58 -38.30 -8.48 0.62
C SER B 58 -39.54 -9.33 0.92
N ARG B 59 -39.85 -9.55 2.20
CA ARG B 59 -41.09 -10.23 2.55
C ARG B 59 -42.32 -9.41 2.17
N ALA B 60 -42.17 -8.09 2.06
CA ALA B 60 -43.32 -7.24 1.81
C ALA B 60 -43.78 -7.34 0.35
N ILE B 61 -42.86 -7.22 -0.60
CA ILE B 61 -43.25 -7.37 -2.00
C ILE B 61 -43.64 -8.82 -2.29
N ALA B 62 -43.00 -9.77 -1.62
CA ALA B 62 -43.32 -11.18 -1.84
C ALA B 62 -44.76 -11.48 -1.46
N LYS B 63 -45.25 -10.86 -0.38
CA LYS B 63 -46.62 -11.10 0.06
C LYS B 63 -47.64 -10.58 -0.96
N GLU B 64 -47.46 -9.36 -1.47
CA GLU B 64 -48.37 -8.84 -2.49
C GLU B 64 -48.29 -9.63 -3.80
N ALA B 65 -47.09 -9.97 -4.23
CA ALA B 65 -46.94 -10.66 -5.49
C ALA B 65 -47.32 -12.13 -5.42
N ASN B 66 -47.72 -12.61 -4.24
CA ASN B 66 -48.08 -14.01 -4.03
C ASN B 66 -46.93 -14.94 -4.42
N VAL B 67 -45.72 -14.53 -4.05
CA VAL B 67 -44.51 -15.30 -4.36
C VAL B 67 -43.72 -15.47 -3.06
N PRO B 68 -42.90 -16.51 -2.93
CA PRO B 68 -42.07 -16.63 -1.72
C PRO B 68 -40.86 -15.72 -1.79
N VAL B 69 -40.19 -15.58 -0.65
CA VAL B 69 -38.97 -14.79 -0.53
C VAL B 69 -37.82 -15.74 -0.22
N VAL B 70 -36.76 -15.66 -1.01
CA VAL B 70 -35.59 -16.50 -0.81
C VAL B 70 -34.39 -15.61 -0.49
N VAL B 71 -33.38 -16.23 0.10
CA VAL B 71 -32.16 -15.54 0.53
C VAL B 71 -30.99 -16.11 -0.26
N VAL B 72 -30.19 -15.23 -0.85
CA VAL B 72 -28.99 -15.62 -1.59
C VAL B 72 -27.79 -14.94 -0.95
N PHE B 73 -26.69 -15.69 -0.83
CA PHE B 73 -25.45 -15.16 -0.27
C PHE B 73 -24.30 -15.63 -1.15
N CYS B 74 -23.45 -14.68 -1.56
CA CYS B 74 -22.31 -14.97 -2.41
C CYS B 74 -21.03 -14.72 -1.62
N LEU B 75 -20.27 -15.79 -1.40
CA LEU B 75 -18.98 -15.71 -0.72
C LEU B 75 -17.87 -15.74 -1.77
N THR B 76 -17.12 -14.64 -1.87
CA THR B 76 -16.08 -14.54 -2.89
C THR B 76 -14.88 -15.41 -2.52
N ASP B 77 -14.26 -15.99 -3.54
CA ASP B 77 -13.02 -16.73 -3.36
C ASP B 77 -11.85 -15.81 -3.03
N GLU B 78 -12.04 -14.49 -3.14
CA GLU B 78 -10.95 -13.54 -2.95
C GLU B 78 -10.55 -13.40 -1.49
N PHE B 79 -11.50 -13.56 -0.57
CA PHE B 79 -11.25 -13.28 0.85
C PHE B 79 -11.00 -14.52 1.67
N LEU B 80 -10.91 -15.69 1.04
CA LEU B 80 -10.49 -16.89 1.77
C LEU B 80 -9.01 -16.84 2.13
N GLU B 81 -8.23 -15.97 1.46
CA GLU B 81 -6.81 -15.79 1.75
C GLU B 81 -6.50 -14.35 2.14
N ALA B 82 -7.49 -13.65 2.71
CA ALA B 82 -7.30 -12.29 3.20
C ALA B 82 -7.42 -12.22 4.71
N GLY B 83 -8.54 -12.65 5.28
CA GLY B 83 -8.68 -12.75 6.71
C GLY B 83 -9.24 -14.09 7.14
N ILE B 84 -8.45 -14.87 7.89
CA ILE B 84 -8.91 -16.20 8.29
C ILE B 84 -9.73 -16.13 9.57
N ARG B 85 -9.41 -15.21 10.47
CA ARG B 85 -10.16 -15.08 11.72
C ARG B 85 -11.54 -14.52 11.48
N GLN B 86 -11.70 -13.62 10.51
CA GLN B 86 -13.03 -13.12 10.18
C GLN B 86 -13.88 -14.17 9.49
N TYR B 87 -13.23 -15.08 8.75
CA TYR B 87 -13.96 -16.14 8.07
C TYR B 87 -14.68 -17.04 9.06
N GLU B 88 -13.97 -17.49 10.10
CA GLU B 88 -14.58 -18.39 11.08
CA GLU B 88 -14.59 -18.39 11.07
C GLU B 88 -15.71 -17.70 11.84
N PHE B 89 -15.53 -16.41 12.17
CA PHE B 89 -16.57 -15.68 12.87
C PHE B 89 -17.79 -15.47 11.99
N MET B 90 -17.57 -15.14 10.70
CA MET B 90 -18.69 -14.86 9.82
C MET B 90 -19.43 -16.14 9.44
N LEU B 91 -18.70 -17.22 9.13
CA LEU B 91 -19.35 -18.44 8.69
C LEU B 91 -20.13 -19.10 9.81
N LYS B 92 -19.59 -19.09 11.03
CA LYS B 92 -20.30 -19.68 12.17
C LYS B 92 -21.61 -18.96 12.44
N GLY B 93 -21.67 -17.66 12.14
CA GLY B 93 -22.95 -16.95 12.22
C GLY B 93 -23.88 -17.23 11.06
N LEU B 94 -23.36 -17.78 9.96
CA LEU B 94 -24.21 -18.14 8.83
C LEU B 94 -24.91 -19.48 9.05
N GLN B 95 -24.25 -20.43 9.72
CA GLN B 95 -24.91 -21.70 10.02
C GLN B 95 -26.10 -21.50 10.92
N GLU B 96 -25.98 -20.64 11.94
CA GLU B 96 -27.12 -20.32 12.79
C GLU B 96 -28.17 -19.54 12.02
N LEU B 97 -27.75 -18.65 11.13
CA LEU B 97 -28.70 -17.91 10.30
C LEU B 97 -29.45 -18.85 9.37
N GLU B 98 -28.76 -19.86 8.83
CA GLU B 98 -29.41 -20.82 7.95
C GLU B 98 -30.51 -21.59 8.69
N VAL B 99 -30.28 -21.88 9.97
CA VAL B 99 -31.29 -22.58 10.75
C VAL B 99 -32.50 -21.69 11.03
N SER B 100 -32.26 -20.44 11.41
CA SER B 100 -33.35 -19.54 11.74
C SER B 100 -34.22 -19.25 10.54
N LEU B 101 -33.62 -19.09 9.35
CA LEU B 101 -34.40 -18.86 8.15
C LEU B 101 -35.21 -20.09 7.76
N SER B 102 -34.71 -21.28 8.07
CA SER B 102 -35.47 -22.50 7.82
C SER B 102 -36.70 -22.59 8.73
N ARG B 103 -36.60 -22.08 9.95
CA ARG B 103 -37.76 -22.05 10.84
C ARG B 103 -38.86 -21.13 10.30
N LYS B 104 -38.49 -20.12 9.53
CA LYS B 104 -39.45 -19.24 8.89
C LYS B 104 -39.77 -19.66 7.46
N LYS B 105 -39.41 -20.88 7.08
CA LYS B 105 -39.68 -21.42 5.74
C LYS B 105 -39.10 -20.54 4.65
N ILE B 106 -37.95 -19.93 4.92
CA ILE B 106 -37.27 -19.06 3.98
C ILE B 106 -36.00 -19.78 3.52
N PRO B 107 -35.93 -20.25 2.29
CA PRO B 107 -34.71 -20.93 1.82
C PRO B 107 -33.55 -19.95 1.67
N SER B 108 -32.34 -20.46 1.92
CA SER B 108 -31.12 -19.69 1.80
C SER B 108 -30.15 -20.43 0.90
N PHE B 109 -29.66 -19.74 -0.12
CA PHE B 109 -28.69 -20.29 -1.06
C PHE B 109 -27.35 -19.59 -0.87
N PHE B 110 -26.28 -20.37 -0.77
CA PHE B 110 -24.93 -19.85 -0.59
C PHE B 110 -24.13 -20.11 -1.86
N LEU B 111 -23.57 -19.05 -2.42
CA LEU B 111 -22.84 -19.11 -3.68
C LEU B 111 -21.37 -18.80 -3.46
N ARG B 112 -20.54 -19.26 -4.41
CA ARG B 112 -19.10 -19.06 -4.35
C ARG B 112 -18.62 -18.53 -5.70
N GLY B 113 -17.98 -17.37 -5.69
CA GLY B 113 -17.46 -16.77 -6.89
C GLY B 113 -17.65 -15.27 -6.86
N ASP B 114 -17.63 -14.67 -8.04
CA ASP B 114 -17.81 -13.22 -8.16
C ASP B 114 -19.30 -12.90 -8.09
N PRO B 115 -19.75 -12.07 -7.14
CA PRO B 115 -21.17 -11.74 -7.05
C PRO B 115 -21.72 -11.06 -8.30
N GLY B 116 -20.87 -10.33 -9.04
CA GLY B 116 -21.34 -9.66 -10.24
C GLY B 116 -21.82 -10.63 -11.30
N GLU B 117 -21.23 -11.83 -11.37
CA GLU B 117 -21.64 -12.84 -12.32
C GLU B 117 -22.46 -13.98 -11.71
N LYS B 118 -22.36 -14.17 -10.39
CA LYS B 118 -23.13 -15.25 -9.77
C LYS B 118 -24.55 -14.83 -9.42
N ILE B 119 -24.73 -13.58 -8.99
CA ILE B 119 -26.07 -13.09 -8.68
C ILE B 119 -26.90 -12.95 -9.95
N SER B 120 -26.30 -12.39 -11.01
CA SER B 120 -27.01 -12.24 -12.27
C SER B 120 -27.37 -13.59 -12.88
N ARG B 121 -26.56 -14.62 -12.63
CA ARG B 121 -26.89 -15.96 -13.07
C ARG B 121 -27.97 -16.59 -12.20
N PHE B 122 -27.93 -16.31 -10.89
CA PHE B 122 -28.91 -16.89 -9.98
C PHE B 122 -30.33 -16.43 -10.29
N VAL B 123 -30.50 -15.13 -10.58
CA VAL B 123 -31.83 -14.60 -10.84
C VAL B 123 -32.38 -15.16 -12.15
N LYS B 124 -31.52 -15.36 -13.14
CA LYS B 124 -31.98 -15.87 -14.43
C LYS B 124 -32.36 -17.34 -14.33
N ASP B 125 -31.55 -18.15 -13.66
CA ASP B 125 -31.82 -19.58 -13.57
C ASP B 125 -33.04 -19.86 -12.69
N TYR B 126 -33.19 -19.14 -11.59
CA TYR B 126 -34.30 -19.36 -10.67
CA TYR B 126 -34.29 -19.33 -10.65
C TYR B 126 -35.52 -18.52 -11.03
N ASN B 127 -35.47 -17.74 -12.10
CA ASN B 127 -36.60 -16.92 -12.57
C ASN B 127 -37.07 -15.97 -11.46
N ALA B 128 -36.16 -15.11 -11.02
CA ALA B 128 -36.48 -14.15 -9.97
C ALA B 128 -37.43 -13.07 -10.49
N GLY B 129 -38.29 -12.60 -9.59
CA GLY B 129 -39.23 -11.56 -9.93
C GLY B 129 -38.80 -10.19 -9.44
N THR B 130 -38.08 -10.16 -8.31
CA THR B 130 -37.58 -8.92 -7.73
C THR B 130 -36.32 -9.22 -6.95
N LEU B 131 -35.29 -8.41 -7.15
CA LEU B 131 -34.01 -8.57 -6.47
C LEU B 131 -33.82 -7.42 -5.49
N VAL B 132 -33.56 -7.77 -4.23
CA VAL B 132 -33.35 -6.79 -3.17
C VAL B 132 -32.01 -7.06 -2.52
N THR B 133 -31.37 -6.01 -2.02
CA THR B 133 -30.08 -6.12 -1.36
C THR B 133 -29.95 -5.02 -0.32
N ASP B 134 -29.00 -5.19 0.59
CA ASP B 134 -28.73 -4.20 1.62
C ASP B 134 -27.73 -3.16 1.12
N PHE B 135 -27.64 -2.06 1.85
CA PHE B 135 -26.76 -0.96 1.48
C PHE B 135 -25.37 -1.14 2.06
N SER B 136 -24.37 -0.75 1.28
CA SER B 136 -22.97 -0.78 1.72
C SER B 136 -22.17 0.25 0.93
N PRO B 137 -21.51 1.20 1.59
CA PRO B 137 -20.77 2.25 0.88
C PRO B 137 -19.38 1.84 0.43
N LEU B 138 -19.01 0.57 0.53
CA LEU B 138 -17.68 0.14 0.12
C LEU B 138 -17.56 0.16 -1.41
N ARG B 139 -16.32 0.30 -1.87
CA ARG B 139 -16.06 0.37 -3.30
C ARG B 139 -16.42 -0.93 -4.01
N ILE B 140 -16.08 -2.07 -3.40
CA ILE B 140 -16.30 -3.36 -4.05
C ILE B 140 -17.80 -3.64 -4.17
N LYS B 141 -18.60 -3.23 -3.19
CA LYS B 141 -20.04 -3.44 -3.27
C LYS B 141 -20.66 -2.68 -4.45
N ASN B 142 -20.22 -1.43 -4.66
CA ASN B 142 -20.76 -0.64 -5.77
CA ASN B 142 -20.76 -0.64 -5.77
C ASN B 142 -20.39 -1.27 -7.11
N GLN B 143 -19.18 -1.84 -7.21
CA GLN B 143 -18.78 -2.50 -8.44
C GLN B 143 -19.68 -3.69 -8.75
N TRP B 144 -20.05 -4.45 -7.72
CA TRP B 144 -20.96 -5.58 -7.92
C TRP B 144 -22.34 -5.11 -8.36
N ILE B 145 -22.81 -3.98 -7.82
CA ILE B 145 -24.15 -3.49 -8.14
C ILE B 145 -24.25 -3.14 -9.62
N GLU B 146 -23.25 -2.42 -10.14
CA GLU B 146 -23.29 -2.01 -11.54
C GLU B 146 -23.16 -3.20 -12.48
N LYS B 147 -22.39 -4.22 -12.09
CA LYS B 147 -22.24 -5.40 -12.94
C LYS B 147 -23.50 -6.26 -12.90
N VAL B 148 -24.27 -6.20 -11.81
CA VAL B 148 -25.51 -6.96 -11.72
C VAL B 148 -26.62 -6.26 -12.50
N ILE B 149 -26.67 -4.93 -12.45
CA ILE B 149 -27.70 -4.18 -13.16
C ILE B 149 -27.63 -4.45 -14.66
N SER B 150 -26.42 -4.50 -15.20
CA SER B 150 -26.25 -4.75 -16.64
CA SER B 150 -26.25 -4.75 -16.64
C SER B 150 -26.56 -6.19 -17.02
N GLY B 151 -26.74 -7.09 -16.05
CA GLY B 151 -27.00 -8.48 -16.35
C GLY B 151 -28.40 -8.96 -16.02
N ILE B 152 -29.25 -8.08 -15.49
CA ILE B 152 -30.60 -8.45 -15.08
C ILE B 152 -31.60 -7.56 -15.80
N SER B 153 -32.85 -8.03 -15.83
CA SER B 153 -33.95 -7.30 -16.42
C SER B 153 -35.11 -7.10 -15.47
N ILE B 154 -35.00 -7.55 -14.22
CA ILE B 154 -36.05 -7.42 -13.23
C ILE B 154 -35.77 -6.19 -12.36
N PRO B 155 -36.76 -5.66 -11.65
CA PRO B 155 -36.50 -4.51 -10.78
C PRO B 155 -35.46 -4.85 -9.71
N PHE B 156 -34.63 -3.87 -9.38
CA PHE B 156 -33.55 -4.02 -8.42
C PHE B 156 -33.69 -2.94 -7.36
N PHE B 157 -33.78 -3.35 -6.09
CA PHE B 157 -33.95 -2.44 -4.98
C PHE B 157 -32.81 -2.61 -3.97
N GLU B 158 -32.50 -1.54 -3.26
CA GLU B 158 -31.48 -1.55 -2.22
C GLU B 158 -32.04 -0.85 -0.99
N VAL B 159 -31.84 -1.47 0.18
CA VAL B 159 -32.39 -0.99 1.44
C VAL B 159 -31.25 -0.76 2.42
N ASP B 160 -31.27 0.40 3.09
CA ASP B 160 -30.31 0.69 4.15
C ASP B 160 -30.82 0.05 5.44
N ALA B 161 -30.36 -1.18 5.70
CA ALA B 161 -30.75 -1.92 6.88
C ALA B 161 -29.71 -1.85 7.99
N HIS B 162 -28.68 -1.03 7.84
CA HIS B 162 -27.61 -0.91 8.82
C HIS B 162 -27.70 0.36 9.65
N ASN B 163 -28.06 1.49 9.04
CA ASN B 163 -28.15 2.76 9.73
C ASN B 163 -29.58 3.02 10.18
N VAL B 164 -29.72 3.69 11.33
CA VAL B 164 -31.05 4.09 11.80
C VAL B 164 -31.68 5.06 10.81
N VAL B 165 -30.93 6.07 10.40
CA VAL B 165 -31.35 7.00 9.36
C VAL B 165 -30.60 6.62 8.08
N PRO B 166 -31.29 6.39 6.97
CA PRO B 166 -30.61 5.97 5.74
C PRO B 166 -29.51 6.96 5.34
N CYS B 167 -28.45 6.41 4.75
CA CYS B 167 -27.25 7.22 4.47
C CYS B 167 -27.57 8.36 3.50
N TRP B 168 -28.36 8.10 2.47
CA TRP B 168 -28.72 9.14 1.51
C TRP B 168 -29.72 10.14 2.05
N GLU B 169 -30.37 9.83 3.18
CA GLU B 169 -31.37 10.72 3.76
C GLU B 169 -30.82 11.62 4.87
N ALA B 170 -29.84 11.13 5.65
CA ALA B 170 -29.29 11.93 6.74
C ALA B 170 -28.50 13.12 6.20
N SER B 171 -27.72 12.91 5.15
CA SER B 171 -26.92 13.98 4.56
C SER B 171 -26.70 13.69 3.09
N GLN B 172 -26.74 14.75 2.28
CA GLN B 172 -26.56 14.65 0.83
C GLN B 172 -25.15 15.01 0.39
N LYS B 173 -24.21 15.15 1.32
CA LYS B 173 -22.85 15.54 0.99
C LYS B 173 -21.91 14.98 2.05
N HIS B 174 -20.62 15.26 1.87
CA HIS B 174 -19.60 14.84 2.82
C HIS B 174 -19.59 15.78 4.01
N GLU B 175 -19.85 15.25 5.20
CA GLU B 175 -19.88 16.07 6.41
C GLU B 175 -18.47 16.29 6.92
N TYR B 176 -18.13 17.56 7.18
CA TYR B 176 -16.78 17.88 7.62
C TYR B 176 -16.50 17.32 9.02
N ALA B 177 -17.39 17.59 9.96
CA ALA B 177 -17.20 17.18 11.35
C ALA B 177 -18.52 16.67 11.92
N ALA B 178 -18.44 16.10 13.13
CA ALA B 178 -19.62 15.52 13.75
C ALA B 178 -20.59 16.60 14.23
N HIS B 179 -20.07 17.77 14.62
CA HIS B 179 -20.95 18.84 15.09
C HIS B 179 -21.83 19.40 13.97
N THR B 180 -21.44 19.23 12.72
CA THR B 180 -22.32 19.55 11.60
C THR B 180 -23.30 18.42 11.33
N PHE B 181 -22.84 17.17 11.47
CA PHE B 181 -23.68 16.00 11.30
C PHE B 181 -24.57 15.75 12.52
N ARG B 182 -24.38 16.50 13.61
CA ARG B 182 -25.18 16.27 14.81
C ARG B 182 -26.65 16.62 14.60
N PRO B 183 -27.01 17.86 14.23
CA PRO B 183 -28.44 18.20 14.18
C PRO B 183 -29.16 17.62 12.97
N LYS B 184 -28.43 17.15 11.96
CA LYS B 184 -29.08 16.66 10.75
C LYS B 184 -29.78 15.32 10.99
N LEU B 185 -29.12 14.39 11.68
CA LEU B 185 -29.75 13.12 11.98
C LEU B 185 -30.54 13.14 13.27
N TYR B 186 -30.23 14.04 14.20
CA TYR B 186 -31.03 14.17 15.41
C TYR B 186 -32.38 14.80 15.13
N ALA B 187 -32.51 15.57 14.05
CA ALA B 187 -33.81 16.06 13.62
C ALA B 187 -34.62 14.99 12.91
N LEU B 188 -33.95 14.07 12.22
CA LEU B 188 -34.62 12.96 11.54
C LEU B 188 -34.76 11.73 12.41
N LEU B 189 -34.26 11.77 13.65
CA LEU B 189 -34.32 10.60 14.52
C LEU B 189 -35.74 10.17 14.85
N PRO B 190 -36.65 11.06 15.30
CA PRO B 190 -38.01 10.58 15.64
C PRO B 190 -38.77 9.99 14.46
N GLU B 191 -38.40 10.35 13.23
CA GLU B 191 -39.09 9.80 12.07
C GLU B 191 -38.64 8.37 11.77
N PHE B 192 -37.36 8.07 11.98
CA PHE B 192 -36.80 6.78 11.63
C PHE B 192 -36.64 5.84 12.83
N LEU B 193 -36.61 6.36 14.05
CA LEU B 193 -36.45 5.52 15.24
C LEU B 193 -37.80 4.89 15.55
N GLU B 194 -38.02 3.69 15.02
CA GLU B 194 -39.29 2.99 15.17
C GLU B 194 -39.02 1.53 15.51
N GLU B 195 -40.06 0.88 16.03
CA GLU B 195 -39.97 -0.54 16.35
C GLU B 195 -39.97 -1.37 15.07
N PHE B 196 -39.55 -2.64 15.21
CA PHE B 196 -39.43 -3.53 14.07
C PHE B 196 -40.60 -4.50 14.02
N PRO B 197 -41.34 -4.56 12.91
CA PRO B 197 -42.34 -5.61 12.76
C PRO B 197 -41.69 -6.98 12.67
N GLU B 198 -42.39 -7.98 13.19
CA GLU B 198 -41.87 -9.34 13.18
C GLU B 198 -41.80 -9.89 11.76
N LEU B 199 -40.73 -10.60 11.46
CA LEU B 199 -40.56 -11.20 10.14
C LEU B 199 -41.51 -12.38 9.98
N GLU B 200 -42.52 -12.24 9.12
CA GLU B 200 -43.50 -13.29 8.94
C GLU B 200 -42.92 -14.43 8.10
N PRO B 201 -43.02 -15.68 8.55
CA PRO B 201 -42.55 -16.80 7.73
C PRO B 201 -43.23 -16.81 6.37
N ASN B 202 -42.63 -17.57 5.45
CA ASN B 202 -43.17 -17.68 4.10
C ASN B 202 -44.50 -18.42 4.10
N SER B 203 -45.49 -17.85 3.41
CA SER B 203 -46.80 -18.49 3.27
C SER B 203 -46.90 -19.36 2.02
N VAL B 204 -46.10 -19.07 0.99
CA VAL B 204 -46.11 -19.81 -0.26
C VAL B 204 -44.93 -20.78 -0.24
N THR B 205 -45.22 -22.06 -0.37
CA THR B 205 -44.17 -23.07 -0.38
C THR B 205 -43.39 -22.99 -1.69
N PRO B 206 -42.08 -22.75 -1.65
CA PRO B 206 -41.27 -22.63 -2.87
C PRO B 206 -40.83 -23.98 -3.43
N ASP B 240 -2.50 -18.18 11.81
CA ASP B 240 -2.99 -17.43 12.96
C ASP B 240 -2.83 -18.23 14.25
N PRO B 241 -1.59 -18.34 14.75
CA PRO B 241 -1.38 -19.12 15.98
C PRO B 241 -1.65 -18.34 17.26
N LEU B 242 -1.62 -17.00 17.22
CA LEU B 242 -1.83 -16.19 18.41
C LEU B 242 -3.29 -15.82 18.64
N PHE B 243 -4.19 -16.15 17.71
CA PHE B 243 -5.58 -15.78 17.86
C PHE B 243 -6.25 -16.63 18.94
N GLU B 244 -6.99 -15.97 19.82
CA GLU B 244 -7.79 -16.66 20.83
C GLU B 244 -9.26 -16.47 20.49
N PRO B 245 -9.91 -17.46 19.89
CA PRO B 245 -11.27 -17.28 19.37
C PRO B 245 -12.39 -17.52 20.37
N TRP B 246 -12.09 -17.82 21.62
CA TRP B 246 -13.12 -18.06 22.63
C TRP B 246 -13.53 -16.78 23.35
N HIS B 247 -13.12 -15.61 22.85
CA HIS B 247 -13.48 -14.34 23.46
C HIS B 247 -14.82 -13.81 22.96
N PHE B 248 -15.22 -14.15 21.74
CA PHE B 248 -16.46 -13.66 21.16
C PHE B 248 -17.17 -14.82 20.46
N GLU B 249 -18.30 -15.25 21.01
CA GLU B 249 -19.10 -16.28 20.38
C GLU B 249 -19.86 -15.67 19.20
N PRO B 250 -19.73 -16.21 17.99
CA PRO B 250 -20.43 -15.63 16.85
C PRO B 250 -21.86 -16.16 16.72
N GLY B 251 -22.67 -15.40 16.00
CA GLY B 251 -24.05 -15.76 15.76
C GLY B 251 -25.01 -14.66 16.18
N GLU B 252 -26.26 -14.83 15.76
CA GLU B 252 -27.30 -13.85 16.09
C GLU B 252 -27.72 -13.96 17.55
N LYS B 253 -27.81 -15.18 18.08
CA LYS B 253 -28.22 -15.36 19.46
C LYS B 253 -27.15 -14.88 20.44
N ALA B 254 -25.87 -15.05 20.08
CA ALA B 254 -24.80 -14.60 20.97
C ALA B 254 -24.70 -13.09 21.03
N ALA B 255 -25.01 -12.40 19.93
CA ALA B 255 -25.02 -10.94 19.94
C ALA B 255 -26.11 -10.39 20.86
N LYS B 256 -27.19 -11.14 21.03
CA LYS B 256 -28.25 -10.72 21.95
C LYS B 256 -27.77 -10.76 23.39
N LYS B 257 -27.14 -11.87 23.79
CA LYS B 257 -26.67 -12.01 25.17
C LYS B 257 -25.55 -11.02 25.47
N VAL B 258 -24.64 -10.81 24.52
CA VAL B 258 -23.57 -9.84 24.71
C VAL B 258 -24.14 -8.45 24.87
N MET B 259 -25.17 -8.12 24.09
CA MET B 259 -25.81 -6.81 24.21
C MET B 259 -26.56 -6.66 25.52
N GLU B 260 -27.29 -7.71 25.94
CA GLU B 260 -28.05 -7.64 27.18
C GLU B 260 -27.13 -7.47 28.39
N SER B 261 -25.99 -8.14 28.39
CA SER B 261 -25.04 -8.00 29.49
C SER B 261 -24.44 -6.60 29.56
N PHE B 262 -24.40 -5.87 28.44
CA PHE B 262 -23.87 -4.51 28.46
C PHE B 262 -24.86 -3.54 29.11
N ILE B 263 -26.15 -3.70 28.85
CA ILE B 263 -27.14 -2.77 29.38
C ILE B 263 -27.39 -2.97 30.87
N ALA B 264 -27.11 -4.17 31.41
CA ALA B 264 -27.37 -4.44 32.81
C ALA B 264 -26.14 -4.25 33.69
N ASP B 265 -24.94 -4.51 33.17
CA ASP B 265 -23.73 -4.44 33.95
C ASP B 265 -22.77 -3.33 33.53
N ARG B 266 -22.86 -2.84 32.29
CA ARG B 266 -21.83 -1.97 31.75
C ARG B 266 -22.31 -0.64 31.20
N LEU B 267 -23.62 -0.42 31.08
CA LEU B 267 -24.09 0.85 30.51
C LEU B 267 -23.97 1.99 31.52
N ASP B 268 -24.20 1.71 32.80
CA ASP B 268 -24.23 2.78 33.80
C ASP B 268 -22.88 3.45 33.94
N SER B 269 -21.79 2.67 33.95
CA SER B 269 -20.45 3.20 34.12
C SER B 269 -19.66 3.26 32.81
N TYR B 270 -20.36 3.32 31.68
CA TYR B 270 -19.67 3.39 30.39
C TYR B 270 -19.18 4.80 30.09
N GLY B 271 -19.96 5.82 30.44
CA GLY B 271 -19.61 7.19 30.11
C GLY B 271 -18.38 7.71 30.82
N ALA B 272 -17.99 7.07 31.93
CA ALA B 272 -16.81 7.49 32.68
C ALA B 272 -15.61 6.57 32.48
N LEU B 273 -15.83 5.33 32.08
CA LEU B 273 -14.74 4.36 31.91
C LEU B 273 -14.61 3.86 30.47
N ARG B 274 -15.08 4.65 29.50
CA ARG B 274 -14.99 4.25 28.10
C ARG B 274 -13.58 4.37 27.56
N ASN B 275 -12.80 5.32 28.03
CA ASN B 275 -11.45 5.55 27.56
C ASN B 275 -10.39 4.82 28.38
N ASP B 276 -10.81 3.94 29.29
CA ASP B 276 -9.88 3.19 30.12
C ASP B 276 -9.71 1.80 29.54
N PRO B 277 -8.55 1.47 28.95
CA PRO B 277 -8.35 0.12 28.41
C PRO B 277 -8.11 -0.93 29.47
N THR B 278 -7.86 -0.53 30.73
CA THR B 278 -7.63 -1.49 31.80
C THR B 278 -8.91 -2.11 32.33
N LYS B 279 -10.07 -1.55 31.99
CA LYS B 279 -11.37 -2.08 32.39
C LYS B 279 -12.19 -2.35 31.14
N ASN B 280 -12.65 -3.59 30.99
CA ASN B 280 -13.46 -3.97 29.83
C ASN B 280 -14.85 -3.39 30.02
N MET B 281 -14.97 -2.09 29.72
CA MET B 281 -16.17 -1.32 30.01
C MET B 281 -16.94 -0.92 28.76
N LEU B 282 -16.57 -1.46 27.60
CA LEU B 282 -17.25 -1.13 26.36
C LEU B 282 -18.41 -2.10 26.14
N SER B 283 -19.03 -2.02 24.97
CA SER B 283 -20.15 -2.89 24.64
C SER B 283 -19.73 -4.16 23.92
N ASN B 284 -18.58 -4.14 23.24
CA ASN B 284 -18.05 -5.30 22.51
C ASN B 284 -19.03 -5.78 21.43
N LEU B 285 -19.78 -4.85 20.84
CA LEU B 285 -20.77 -5.18 19.82
C LEU B 285 -20.28 -4.92 18.41
N SER B 286 -19.10 -4.32 18.23
CA SER B 286 -18.61 -4.04 16.89
C SER B 286 -18.38 -5.30 16.05
N PRO B 287 -17.84 -6.42 16.56
CA PRO B 287 -17.77 -7.62 15.71
C PRO B 287 -19.14 -8.06 15.20
N TYR B 288 -20.16 -7.98 16.06
CA TYR B 288 -21.51 -8.33 15.63
C TYR B 288 -22.14 -7.22 14.79
N LEU B 289 -21.73 -5.97 15.01
CA LEU B 289 -22.26 -4.87 14.22
C LEU B 289 -21.66 -4.82 12.82
N HIS B 290 -20.40 -5.22 12.67
CA HIS B 290 -19.77 -5.18 11.35
C HIS B 290 -20.36 -6.22 10.42
N PHE B 291 -20.65 -7.42 10.93
CA PHE B 291 -21.20 -8.50 10.12
C PHE B 291 -22.71 -8.44 10.02
N GLY B 292 -23.36 -7.47 10.66
CA GLY B 292 -24.80 -7.36 10.60
C GLY B 292 -25.55 -8.38 11.41
N GLN B 293 -24.88 -9.09 12.32
CA GLN B 293 -25.57 -10.06 13.16
C GLN B 293 -26.51 -9.39 14.16
N ILE B 294 -26.26 -8.12 14.49
CA ILE B 294 -27.14 -7.34 15.34
C ILE B 294 -27.36 -5.99 14.68
N SER B 295 -28.57 -5.45 14.86
CA SER B 295 -28.95 -4.17 14.28
CA SER B 295 -28.94 -4.17 14.28
C SER B 295 -28.67 -3.05 15.27
N SER B 296 -28.00 -2.00 14.80
CA SER B 296 -27.68 -0.87 15.68
C SER B 296 -28.95 -0.16 16.15
N GLN B 297 -30.01 -0.19 15.34
CA GLN B 297 -31.26 0.46 15.74
C GLN B 297 -31.90 -0.28 16.92
N ARG B 298 -31.78 -1.60 16.95
CA ARG B 298 -32.29 -2.35 18.10
C ARG B 298 -31.53 -2.01 19.36
N VAL B 299 -30.20 -1.85 19.26
CA VAL B 299 -29.41 -1.44 20.41
C VAL B 299 -29.84 -0.05 20.88
N VAL B 300 -30.11 0.85 19.94
CA VAL B 300 -30.61 2.17 20.30
C VAL B 300 -31.97 2.07 20.98
N LEU B 301 -32.83 1.18 20.48
CA LEU B 301 -34.18 1.06 21.03
C LEU B 301 -34.16 0.57 22.47
N GLU B 302 -33.43 -0.51 22.75
CA GLU B 302 -33.41 -1.07 24.09
C GLU B 302 -32.64 -0.19 25.07
N VAL B 303 -31.58 0.47 24.61
CA VAL B 303 -30.83 1.38 25.47
C VAL B 303 -31.71 2.55 25.91
N GLU B 304 -32.53 3.06 24.98
CA GLU B 304 -33.43 4.16 25.31
CA GLU B 304 -33.42 4.17 25.32
C GLU B 304 -34.45 3.77 26.37
N LYS B 305 -34.87 2.50 26.38
CA LYS B 305 -35.85 2.03 27.35
C LYS B 305 -35.24 1.82 28.73
N ALA B 306 -33.93 1.68 28.83
CA ALA B 306 -33.30 1.43 30.11
C ALA B 306 -33.29 2.69 30.97
N GLU B 307 -33.17 2.48 32.28
CA GLU B 307 -33.03 3.57 33.24
C GLU B 307 -31.60 3.51 33.78
N SER B 308 -30.70 4.14 33.04
CA SER B 308 -29.28 4.22 33.37
C SER B 308 -28.90 5.70 33.51
N ASN B 309 -27.61 5.95 33.64
CA ASN B 309 -27.13 7.32 33.73
C ASN B 309 -27.37 8.01 32.39
N PRO B 310 -28.11 9.12 32.35
CA PRO B 310 -28.26 9.84 31.07
C PRO B 310 -26.93 10.30 30.50
N GLY B 311 -25.99 10.69 31.35
CA GLY B 311 -24.67 11.08 30.86
C GLY B 311 -23.92 9.92 30.24
N SER B 312 -23.96 8.74 30.88
CA SER B 312 -23.36 7.56 30.29
C SER B 312 -24.14 7.08 29.08
N LYS B 313 -25.46 7.26 29.09
CA LYS B 313 -26.27 6.89 27.92
C LYS B 313 -25.93 7.77 26.72
N LYS B 314 -26.05 9.09 26.89
CA LYS B 314 -25.85 10.01 25.77
C LYS B 314 -24.49 9.84 25.13
N ALA B 315 -23.49 9.42 25.91
CA ALA B 315 -22.18 9.11 25.34
C ALA B 315 -22.21 7.87 24.45
N PHE B 316 -23.20 6.98 24.63
CA PHE B 316 -23.28 5.78 23.82
C PHE B 316 -24.08 5.99 22.55
N LEU B 317 -25.24 6.67 22.62
CA LEU B 317 -25.96 6.98 21.39
C LEU B 317 -25.13 7.87 20.48
N ASP B 318 -24.22 8.67 21.05
CA ASP B 318 -23.30 9.44 20.21
C ASP B 318 -22.40 8.53 19.38
N GLU B 319 -21.87 7.47 20.00
CA GLU B 319 -20.91 6.63 19.29
C GLU B 319 -21.57 5.69 18.30
N ILE B 320 -22.78 5.21 18.60
CA ILE B 320 -23.43 4.23 17.72
C ILE B 320 -24.32 4.87 16.67
N LEU B 321 -24.68 6.14 16.83
CA LEU B 321 -25.55 6.83 15.88
C LEU B 321 -24.85 7.96 15.15
N ILE B 322 -24.14 8.83 15.87
CA ILE B 322 -23.50 9.97 15.22
C ILE B 322 -22.30 9.52 14.40
N TRP B 323 -21.44 8.68 14.97
CA TRP B 323 -20.18 8.34 14.33
C TRP B 323 -20.23 7.04 13.52
N LYS B 324 -21.04 6.06 13.95
CA LYS B 324 -21.17 4.84 13.16
C LYS B 324 -21.77 5.15 11.79
N GLU B 325 -22.70 6.11 11.74
CA GLU B 325 -23.33 6.50 10.49
C GLU B 325 -22.56 7.56 9.73
N ILE B 326 -21.69 8.33 10.40
CA ILE B 326 -20.83 9.26 9.69
C ILE B 326 -19.71 8.55 8.97
N SER B 327 -19.35 7.33 9.42
CA SER B 327 -18.39 6.53 8.68
C SER B 327 -18.99 6.02 7.38
N ASP B 328 -20.26 5.61 7.42
CA ASP B 328 -20.99 5.34 6.18
C ASP B 328 -21.08 6.59 5.33
N ASN B 329 -21.28 7.74 5.98
CA ASN B 329 -21.32 9.00 5.24
CA ASN B 329 -21.31 9.02 5.26
C ASN B 329 -19.96 9.32 4.62
N PHE B 330 -18.88 9.01 5.33
CA PHE B 330 -17.54 9.29 4.80
C PHE B 330 -17.23 8.43 3.58
N CYS B 331 -17.52 7.13 3.65
CA CYS B 331 -17.20 6.25 2.54
C CYS B 331 -18.16 6.42 1.36
N TYR B 332 -19.40 6.84 1.62
CA TYR B 332 -20.38 6.96 0.55
C TYR B 332 -20.06 8.12 -0.38
N TYR B 333 -19.62 9.25 0.19
CA TYR B 333 -19.36 10.46 -0.59
C TYR B 333 -17.88 10.68 -0.86
N ASN B 334 -17.02 9.72 -0.51
CA ASN B 334 -15.59 9.79 -0.81
C ASN B 334 -15.15 8.42 -1.33
N PRO B 335 -15.04 8.27 -2.65
CA PRO B 335 -14.61 6.97 -3.18
C PRO B 335 -13.22 6.54 -2.72
N GLY B 336 -12.31 7.49 -2.56
CA GLY B 336 -10.97 7.18 -2.09
C GLY B 336 -10.82 7.30 -0.59
N TYR B 337 -11.74 6.69 0.15
CA TYR B 337 -11.74 6.82 1.61
C TYR B 337 -10.49 6.20 2.23
N ASP B 338 -9.88 5.23 1.55
CA ASP B 338 -8.68 4.57 2.05
C ASP B 338 -7.41 5.10 1.41
N GLY B 339 -7.39 6.40 1.07
CA GLY B 339 -6.24 6.99 0.43
C GLY B 339 -5.91 8.35 1.01
N PHE B 340 -4.78 8.89 0.57
CA PHE B 340 -4.34 10.21 1.03
C PHE B 340 -5.20 11.34 0.46
N GLU B 341 -5.87 11.11 -0.67
CA GLU B 341 -6.63 12.18 -1.31
C GLU B 341 -7.85 12.59 -0.51
N SER B 342 -8.46 11.65 0.22
CA SER B 342 -9.68 11.94 0.97
C SER B 342 -9.42 12.81 2.19
N PHE B 343 -8.17 13.10 2.51
CA PHE B 343 -7.85 13.92 3.67
C PHE B 343 -8.30 15.36 3.44
N PRO B 344 -8.57 16.11 4.52
CA PRO B 344 -8.92 17.53 4.37
C PRO B 344 -7.76 18.32 3.77
N SER B 345 -8.10 19.49 3.22
CA SER B 345 -7.11 20.30 2.52
C SER B 345 -5.98 20.72 3.46
N TRP B 346 -6.30 21.10 4.70
CA TRP B 346 -5.28 21.51 5.64
C TRP B 346 -4.36 20.35 6.03
N ALA B 347 -4.90 19.13 6.08
CA ALA B 347 -4.08 17.98 6.46
C ALA B 347 -3.10 17.60 5.37
N LYS B 348 -3.53 17.67 4.11
CA LYS B 348 -2.65 17.30 3.00
C LYS B 348 -1.47 18.25 2.89
N GLU B 349 -1.71 19.55 3.09
CA GLU B 349 -0.62 20.52 3.03
C GLU B 349 0.37 20.33 4.19
N SER B 350 -0.14 20.08 5.39
CA SER B 350 0.73 19.90 6.54
C SER B 350 1.57 18.63 6.43
N LEU B 351 0.96 17.53 5.97
CA LEU B 351 1.70 16.28 5.83
C LEU B 351 2.73 16.34 4.73
N ASN B 352 2.45 17.09 3.65
CA ASN B 352 3.42 17.23 2.58
C ASN B 352 4.62 18.07 3.01
N ALA B 353 4.40 19.06 3.88
CA ALA B 353 5.48 19.92 4.33
C ALA B 353 6.41 19.24 5.32
N HIS B 354 5.99 18.12 5.91
CA HIS B 354 6.79 17.39 6.88
C HIS B 354 7.21 16.02 6.37
N ARG B 355 7.23 15.82 5.05
CA ARG B 355 7.62 14.53 4.49
C ARG B 355 9.11 14.29 4.65
N ASN B 356 9.93 15.33 4.57
CA ASN B 356 11.37 15.20 4.69
C ASN B 356 11.87 15.31 6.14
N ASP B 357 10.97 15.49 7.10
CA ASP B 357 11.38 15.56 8.50
C ASP B 357 12.00 14.24 8.94
N VAL B 358 13.07 14.33 9.72
CA VAL B 358 13.75 13.13 10.21
C VAL B 358 12.89 12.50 11.30
N ARG B 359 12.55 11.22 11.10
CA ARG B 359 11.73 10.49 12.06
C ARG B 359 12.60 9.90 13.15
N SER B 360 12.02 9.81 14.36
CA SER B 360 12.76 9.23 15.48
C SER B 360 13.06 7.76 15.24
N HIS B 361 12.09 7.01 14.71
CA HIS B 361 12.27 5.60 14.41
C HIS B 361 11.56 5.27 13.10
N ILE B 362 12.10 4.30 12.38
CA ILE B 362 11.53 3.82 11.12
C ILE B 362 11.29 2.33 11.27
N TYR B 363 10.03 1.92 11.14
CA TYR B 363 9.63 0.53 11.26
C TYR B 363 8.96 0.06 9.98
N THR B 364 8.99 -1.25 9.77
CA THR B 364 8.38 -1.89 8.62
C THR B 364 7.04 -2.51 9.02
N LEU B 365 6.36 -3.09 8.04
CA LEU B 365 5.08 -3.74 8.31
C LEU B 365 5.26 -4.92 9.26
N GLU B 366 6.25 -5.77 8.99
CA GLU B 366 6.47 -6.94 9.84
C GLU B 366 6.88 -6.53 11.25
N GLU B 367 7.68 -5.47 11.38
CA GLU B 367 8.01 -4.96 12.71
C GLU B 367 6.76 -4.41 13.40
N PHE B 368 5.90 -3.72 12.65
CA PHE B 368 4.63 -3.28 13.22
C PHE B 368 3.71 -4.46 13.49
N GLU B 369 3.75 -5.48 12.62
CA GLU B 369 2.87 -6.64 12.79
C GLU B 369 3.29 -7.50 13.96
N ALA B 370 4.60 -7.65 14.18
CA ALA B 370 5.11 -8.48 15.27
C ALA B 370 5.18 -7.72 16.59
N GLY B 371 4.87 -6.42 16.60
CA GLY B 371 4.95 -5.64 17.82
C GLY B 371 6.36 -5.52 18.37
N LYS B 372 7.35 -5.43 17.48
CA LYS B 372 8.75 -5.26 17.88
C LYS B 372 9.16 -3.79 17.72
N THR B 373 8.54 -2.94 18.54
CA THR B 373 8.84 -1.51 18.55
C THR B 373 9.39 -1.11 19.92
N HIS B 374 9.96 0.08 19.97
CA HIS B 374 10.53 0.61 21.21
C HIS B 374 9.49 1.05 22.21
N ASP B 375 8.21 1.15 21.81
CA ASP B 375 7.16 1.58 22.70
C ASP B 375 6.44 0.36 23.26
N PRO B 376 6.58 0.05 24.56
CA PRO B 376 5.81 -1.07 25.12
C PRO B 376 4.31 -0.84 25.08
N LEU B 377 3.85 0.41 25.16
CA LEU B 377 2.43 0.67 25.06
C LEU B 377 1.89 0.32 23.68
N TRP B 378 2.62 0.69 22.63
CA TRP B 378 2.20 0.32 21.28
C TRP B 378 2.24 -1.18 21.08
N ASN B 379 3.30 -1.84 21.58
CA ASN B 379 3.41 -3.27 21.45
C ASN B 379 2.30 -3.99 22.21
N ALA B 380 1.94 -3.49 23.39
CA ALA B 380 0.81 -4.05 24.12
C ALA B 380 -0.49 -3.86 23.36
N SER B 381 -0.65 -2.70 22.71
CA SER B 381 -1.84 -2.47 21.89
C SER B 381 -1.90 -3.46 20.73
N GLN B 382 -0.76 -3.68 20.05
CA GLN B 382 -0.72 -4.68 18.98
C GLN B 382 -0.93 -6.09 19.54
N MET B 383 -0.34 -6.37 20.71
CA MET B 383 -0.48 -7.70 21.31
C MET B 383 -1.94 -8.00 21.64
N GLU B 384 -2.68 -6.99 22.13
CA GLU B 384 -4.11 -7.17 22.33
C GLU B 384 -4.82 -7.41 21.01
N LEU B 385 -4.29 -6.87 19.92
CA LEU B 385 -4.96 -7.04 18.62
C LEU B 385 -4.79 -8.46 18.12
N LEU B 386 -3.55 -8.99 18.17
CA LEU B 386 -3.30 -10.34 17.68
C LEU B 386 -4.03 -11.39 18.52
N SER B 387 -4.06 -11.20 19.85
CA SER B 387 -4.60 -12.21 20.75
C SER B 387 -6.12 -12.25 20.70
N THR B 388 -6.77 -11.11 20.95
CA THR B 388 -8.23 -11.07 21.08
C THR B 388 -8.94 -10.69 19.79
N GLY B 389 -8.25 -10.07 18.84
CA GLY B 389 -8.90 -9.63 17.62
C GLY B 389 -9.77 -8.41 17.77
N LYS B 390 -9.72 -7.74 18.91
CA LYS B 390 -10.52 -6.54 19.15
C LYS B 390 -9.74 -5.64 20.10
N MET B 391 -9.11 -4.61 19.54
CA MET B 391 -8.33 -3.67 20.33
C MET B 391 -9.25 -2.63 20.97
N HIS B 392 -8.86 -2.17 22.16
CA HIS B 392 -9.66 -1.19 22.88
C HIS B 392 -9.76 0.10 22.06
N GLY B 393 -10.93 0.75 22.14
CA GLY B 393 -11.20 1.89 21.27
C GLY B 393 -10.22 3.03 21.48
N TYR B 394 -9.89 3.35 22.73
CA TYR B 394 -8.95 4.42 22.99
C TYR B 394 -7.56 4.09 22.46
N THR B 395 -7.12 2.85 22.65
CA THR B 395 -5.77 2.47 22.24
C THR B 395 -5.63 2.36 20.73
N ARG B 396 -6.74 2.18 19.99
CA ARG B 396 -6.67 2.18 18.53
C ARG B 396 -6.22 3.54 18.01
N MET B 397 -6.46 4.61 18.77
CA MET B 397 -5.93 5.92 18.42
C MET B 397 -4.41 5.94 18.52
N TYR B 398 -3.89 5.60 19.70
CA TYR B 398 -2.44 5.59 19.92
C TYR B 398 -1.76 4.57 19.01
N TRP B 399 -2.45 3.48 18.70
CA TRP B 399 -1.88 2.47 17.80
C TRP B 399 -1.71 3.01 16.39
N ALA B 400 -2.69 3.77 15.90
CA ALA B 400 -2.62 4.25 14.52
C ALA B 400 -1.82 5.55 14.42
N LYS B 401 -1.92 6.42 15.42
CA LYS B 401 -1.20 7.69 15.37
C LYS B 401 0.31 7.49 15.46
N LYS B 402 0.75 6.46 16.18
CA LYS B 402 2.18 6.17 16.27
C LYS B 402 2.73 5.55 14.99
N ILE B 403 1.88 4.89 14.20
CA ILE B 403 2.32 4.35 12.92
C ILE B 403 2.73 5.49 11.99
N LEU B 404 1.95 6.57 11.98
CA LEU B 404 2.31 7.75 11.20
C LEU B 404 3.61 8.36 11.69
N GLU B 405 3.86 8.32 13.00
CA GLU B 405 5.08 8.89 13.55
C GLU B 405 6.31 8.07 13.20
N TRP B 406 6.16 6.76 13.02
CA TRP B 406 7.28 5.84 12.83
C TRP B 406 7.22 5.19 11.46
N SER B 407 6.90 5.98 10.43
CA SER B 407 6.93 5.53 9.05
C SER B 407 7.61 6.59 8.20
N GLU B 408 8.16 6.15 7.05
CA GLU B 408 8.92 7.07 6.21
C GLU B 408 8.03 8.10 5.54
N SER B 409 6.81 7.72 5.16
CA SER B 409 5.90 8.62 4.46
C SER B 409 4.50 8.45 5.00
N PRO B 410 3.65 9.49 4.89
CA PRO B 410 2.26 9.34 5.33
C PRO B 410 1.49 8.27 4.57
N GLU B 411 1.80 8.06 3.29
CA GLU B 411 1.10 7.03 2.53
C GLU B 411 1.40 5.63 3.05
N LYS B 412 2.67 5.37 3.40
CA LYS B 412 3.03 4.07 3.94
C LYS B 412 2.35 3.82 5.29
N ALA B 413 2.21 4.87 6.10
CA ALA B 413 1.51 4.74 7.36
C ALA B 413 0.04 4.36 7.13
N LEU B 414 -0.59 4.97 6.13
CA LEU B 414 -1.95 4.57 5.77
C LEU B 414 -1.99 3.12 5.32
N GLU B 415 -1.02 2.70 4.51
N GLU B 415 -1.03 2.71 4.50
CA GLU B 415 -1.01 1.34 4.01
CA GLU B 415 -1.00 1.34 4.01
C GLU B 415 -0.78 0.32 5.13
C GLU B 415 -0.80 0.34 5.15
N ILE B 416 0.11 0.64 6.07
CA ILE B 416 0.39 -0.27 7.18
C ILE B 416 -0.80 -0.34 8.13
N ALA B 417 -1.39 0.82 8.46
CA ALA B 417 -2.49 0.84 9.42
C ALA B 417 -3.70 0.08 8.91
N ILE B 418 -4.06 0.30 7.63
CA ILE B 418 -5.23 -0.37 7.07
C ILE B 418 -4.97 -1.86 6.92
N CYS B 419 -3.76 -2.24 6.52
CA CYS B 419 -3.44 -3.65 6.33
C CYS B 419 -3.57 -4.42 7.63
N LEU B 420 -3.03 -3.88 8.73
CA LEU B 420 -3.14 -4.55 10.02
C LEU B 420 -4.54 -4.43 10.60
N ASN B 421 -5.31 -3.42 10.20
CA ASN B 421 -6.68 -3.28 10.69
C ASN B 421 -7.63 -4.23 9.98
N ASP B 422 -7.51 -4.34 8.65
CA ASP B 422 -8.43 -5.17 7.87
C ASP B 422 -8.09 -6.65 7.93
N ARG B 423 -6.93 -7.01 8.46
CA ARG B 423 -6.50 -8.40 8.53
C ARG B 423 -6.67 -9.03 9.91
N TYR B 424 -6.45 -8.26 10.97
CA TYR B 424 -6.41 -8.80 12.32
C TYR B 424 -7.58 -8.38 13.20
N GLU B 425 -8.32 -7.35 12.83
CA GLU B 425 -9.45 -6.88 13.62
C GLU B 425 -10.72 -7.62 13.21
N LEU B 426 -11.50 -8.08 14.19
CA LEU B 426 -12.74 -8.78 13.90
C LEU B 426 -13.77 -7.89 13.23
N ASP B 427 -13.76 -6.59 13.55
CA ASP B 427 -14.67 -5.62 12.95
C ASP B 427 -14.00 -4.81 11.85
N GLY B 428 -12.93 -5.33 11.25
CA GLY B 428 -12.26 -4.65 10.17
C GLY B 428 -13.04 -4.72 8.87
N ARG B 429 -12.44 -4.16 7.83
CA ARG B 429 -13.06 -4.07 6.50
C ARG B 429 -14.40 -3.38 6.57
N ASP B 430 -14.48 -2.33 7.39
CA ASP B 430 -15.70 -1.60 7.64
C ASP B 430 -15.47 -0.11 7.47
N PRO B 431 -16.47 0.63 6.99
CA PRO B 431 -16.35 2.09 6.94
C PRO B 431 -15.98 2.70 8.29
N ASN B 432 -16.38 2.07 9.39
CA ASN B 432 -15.95 2.51 10.70
C ASN B 432 -14.43 2.50 10.82
N GLY B 433 -13.79 1.47 10.25
CA GLY B 433 -12.34 1.42 10.27
C GLY B 433 -11.70 2.47 9.38
N TYR B 434 -12.16 2.57 8.13
CA TYR B 434 -11.55 3.50 7.19
C TYR B 434 -11.77 4.95 7.61
N ALA B 435 -12.86 5.23 8.33
CA ALA B 435 -13.05 6.56 8.90
C ALA B 435 -12.21 6.76 10.14
N GLY B 436 -12.02 5.71 10.95
CA GLY B 436 -11.19 5.83 12.13
C GLY B 436 -9.73 6.08 11.81
N ILE B 437 -9.19 5.33 10.85
CA ILE B 437 -7.81 5.55 10.43
C ILE B 437 -7.66 6.89 9.73
N ALA B 438 -8.69 7.33 9.02
CA ALA B 438 -8.66 8.67 8.42
C ALA B 438 -8.70 9.76 9.47
N TRP B 439 -9.33 9.49 10.62
CA TRP B 439 -9.34 10.47 11.70
C TRP B 439 -7.98 10.56 12.38
N SER B 440 -7.34 9.41 12.63
CA SER B 440 -6.09 9.40 13.36
C SER B 440 -4.91 9.86 12.51
N ILE B 441 -4.91 9.49 11.23
CA ILE B 441 -3.79 9.79 10.33
C ILE B 441 -4.03 11.06 9.54
N GLY B 442 -5.22 11.21 8.95
CA GLY B 442 -5.53 12.34 8.11
C GLY B 442 -6.35 13.43 8.75
N GLY B 443 -6.74 13.28 10.01
CA GLY B 443 -7.53 14.31 10.66
C GLY B 443 -8.93 14.47 10.13
N VAL B 444 -9.47 13.44 9.47
CA VAL B 444 -10.84 13.51 8.97
C VAL B 444 -11.80 13.55 10.14
N HIS B 445 -12.80 14.44 10.07
CA HIS B 445 -13.75 14.67 11.15
C HIS B 445 -13.04 15.17 12.42
N ASP B 446 -11.98 15.94 12.24
CA ASP B 446 -11.21 16.50 13.35
C ASP B 446 -10.79 17.91 12.97
N ARG B 447 -9.86 18.47 13.73
CA ARG B 447 -9.35 19.82 13.51
C ARG B 447 -7.83 19.80 13.58
N ALA B 448 -7.24 20.94 13.23
CA ALA B 448 -5.79 21.08 13.27
C ALA B 448 -5.32 21.39 14.69
N TRP B 449 -4.13 20.90 15.02
CA TRP B 449 -3.52 21.12 16.32
C TRP B 449 -2.11 21.66 16.12
N GLY B 450 -1.39 21.83 17.23
CA GLY B 450 -0.06 22.42 17.21
C GLY B 450 0.89 21.73 16.24
N GLU B 451 1.58 22.54 15.42
CA GLU B 451 2.44 21.98 14.39
C GLU B 451 3.69 21.35 15.02
N ARG B 452 3.92 20.08 14.69
CA ARG B 452 5.08 19.34 15.17
C ARG B 452 5.80 18.72 13.98
N GLU B 453 6.97 18.14 14.26
CA GLU B 453 7.72 17.45 13.22
C GLU B 453 7.00 16.18 12.79
N VAL B 454 7.15 15.85 11.50
CA VAL B 454 6.60 14.64 10.91
C VAL B 454 5.08 14.67 10.93
N THR B 455 4.48 14.65 12.13
CA THR B 455 3.03 14.59 12.23
C THR B 455 2.37 15.88 11.76
N GLY B 456 3.06 17.02 11.88
CA GLY B 456 2.47 18.27 11.43
C GLY B 456 1.37 18.74 12.37
N LYS B 457 0.29 19.23 11.77
CA LYS B 457 -0.84 19.76 12.52
C LYS B 457 -1.84 18.68 12.94
N ILE B 458 -1.54 17.40 12.67
CA ILE B 458 -2.40 16.32 13.11
C ILE B 458 -2.36 16.22 14.64
N ARG B 459 -3.47 15.80 15.23
CA ARG B 459 -3.54 15.61 16.67
C ARG B 459 -2.44 14.66 17.13
N TYR B 460 -1.70 15.08 18.15
CA TYR B 460 -0.56 14.33 18.64
C TYR B 460 -0.91 13.57 19.91
N MET B 461 -0.29 12.40 20.07
CA MET B 461 -0.43 11.59 21.27
C MET B 461 0.95 11.13 21.73
N SER B 462 1.16 11.15 23.05
CA SER B 462 2.44 10.80 23.64
C SER B 462 2.24 9.71 24.68
N TYR B 463 3.34 9.02 24.99
CA TYR B 463 3.30 7.98 26.01
C TYR B 463 3.00 8.57 27.38
N GLU B 464 3.55 9.75 27.67
CA GLU B 464 3.28 10.40 28.95
C GLU B 464 1.84 10.87 29.04
N GLY B 465 1.21 11.22 27.91
CA GLY B 465 -0.17 11.64 27.94
C GLY B 465 -1.12 10.52 28.36
N CYS B 466 -0.83 9.30 27.92
CA CYS B 466 -1.66 8.16 28.32
C CYS B 466 -1.46 7.82 29.78
N LYS B 467 -0.30 8.14 30.35
CA LYS B 467 -0.07 7.90 31.77
C LYS B 467 -0.93 8.78 32.66
N ARG B 468 -1.41 9.91 32.14
CA ARG B 468 -2.24 10.84 32.89
C ARG B 468 -3.74 10.50 32.77
N LYS B 469 -4.08 9.37 32.17
CA LYS B 469 -5.47 8.98 31.97
C LYS B 469 -5.81 7.62 32.56
N PHE B 470 -4.87 6.67 32.52
CA PHE B 470 -5.15 5.32 33.00
C PHE B 470 -3.85 4.65 33.42
N ASP B 471 -3.98 3.47 34.00
CA ASP B 471 -2.83 2.67 34.45
C ASP B 471 -2.23 2.00 33.23
N VAL B 472 -1.26 2.69 32.60
CA VAL B 472 -0.61 2.13 31.42
C VAL B 472 0.20 0.89 31.74
N LYS B 473 0.61 0.71 33.00
CA LYS B 473 1.34 -0.49 33.38
C LYS B 473 0.46 -1.73 33.28
N LEU B 474 -0.75 -1.66 33.82
CA LEU B 474 -1.66 -2.81 33.81
C LEU B 474 -1.98 -3.24 32.39
N TYR B 475 -2.03 -2.29 31.44
CA TYR B 475 -2.28 -2.65 30.05
C TYR B 475 -1.13 -3.46 29.46
N ILE B 476 0.09 -3.29 29.99
CA ILE B 476 1.24 -3.98 29.43
C ILE B 476 1.36 -5.39 29.98
N GLU B 477 1.13 -5.58 31.27
CA GLU B 477 1.21 -6.91 31.85
CA GLU B 477 1.22 -6.92 31.84
C GLU B 477 0.11 -7.83 31.33
N LYS B 478 -1.05 -7.27 31.00
CA LYS B 478 -2.16 -8.09 30.48
C LYS B 478 -1.85 -8.65 29.11
N TYR B 479 -1.08 -7.93 28.29
CA TYR B 479 -0.75 -8.34 26.93
C TYR B 479 0.76 -8.32 26.71
N SER B 480 1.50 -8.88 27.67
CA SER B 480 2.95 -8.92 27.56
C SER B 480 3.40 -10.02 26.60
#